data_5EWU
#
_entry.id   5EWU
#
_cell.length_a   69.099
_cell.length_b   72.776
_cell.length_c   72.911
_cell.angle_alpha   90.00
_cell.angle_beta   109.76
_cell.angle_gamma   90.00
#
_symmetry.space_group_name_H-M   'P 1 21 1'
#
loop_
_entity.id
_entity.type
_entity.pdbx_description
1 polymer 'Magnesium-chelatase subunit ChlH, chloroplastic'
2 non-polymer 'BENZOIC ACID'
3 non-polymer 'MAGNESIUM ION'
4 water water
#
_entity_poly.entity_id   1
_entity_poly.type   'polypeptide(L)'
_entity_poly.pdbx_seq_one_letter_code
;QAIPTTAAMASAKIVVERLVERQKLENEGKYPETIALVLWGTDNIKTYGESLGQVLWMIGVRPIADTFGRVNRVEPVSLE
ELGRPRIDVVVNCSGVFRDLFINQMNLLDRAIKMVAELDEPVEQNFVRKHALEQAEALGIDIREAATRVFSNASGSYSAN
ISLAVENSSWNDEKQLQDMYLSRKSFAFDSDAPGAGMAEKKQVFEMALSTAEVTFQNLDSSEISLTDVSHYFDSDPTNLV
QSLRKDKKKPSSYIADTTTANAQVRTLSETVRLDARTKLLNPKWYEGMMSSGYEGVREIEKRLSNTVGWSATSGQVDNWV
YEEANSTFIQDEEMLNRLMNTNPNSFRKMLQTFLEANGRGYWDTSAENIEKLKELYSQVEDKIEGIDR
;
_entity_poly.pdbx_strand_id   A,B
#
loop_
_chem_comp.id
_chem_comp.type
_chem_comp.name
_chem_comp.formula
BEZ non-polymer 'BENZOIC ACID' 'C7 H6 O2'
MG non-polymer 'MAGNESIUM ION' 'Mg 2'
#
# COMPACT_ATOMS: atom_id res chain seq x y z
N GLN A 1 -10.98 22.52 32.89
CA GLN A 1 -12.36 22.14 33.26
C GLN A 1 -12.43 20.66 33.68
N ALA A 2 -13.62 20.06 33.56
CA ALA A 2 -13.86 18.70 34.05
C ALA A 2 -13.45 17.59 33.08
N ILE A 3 -12.82 17.94 31.96
CA ILE A 3 -12.58 16.94 30.91
C ILE A 3 -11.15 16.38 30.84
N PRO A 4 -11.00 15.12 30.36
CA PRO A 4 -12.07 14.19 30.05
C PRO A 4 -12.76 13.77 31.34
N THR A 5 -14.07 13.57 31.26
CA THR A 5 -14.84 13.07 32.40
C THR A 5 -14.62 11.57 32.56
N THR A 6 -15.09 11.05 33.69
CA THR A 6 -15.04 9.62 33.94
C THR A 6 -15.73 8.84 32.82
N ALA A 7 -16.90 9.32 32.39
CA ALA A 7 -17.63 8.70 31.28
C ALA A 7 -16.84 8.72 29.97
N ALA A 8 -16.23 9.87 29.67
CA ALA A 8 -15.43 10.00 28.46
C ALA A 8 -14.25 9.03 28.47
N MET A 9 -13.61 8.89 29.63
CA MET A 9 -12.46 8.00 29.76
C MET A 9 -12.86 6.53 29.57
N ALA A 10 -14.05 6.16 30.06
CA ALA A 10 -14.53 4.79 29.93
C ALA A 10 -14.77 4.44 28.46
N SER A 11 -15.36 5.36 27.71
CA SER A 11 -15.55 5.18 26.27
CA SER A 11 -15.55 5.17 26.27
C SER A 11 -14.21 5.14 25.54
N ALA A 12 -13.31 6.05 25.93
CA ALA A 12 -12.00 6.17 25.30
C ALA A 12 -11.19 4.89 25.41
N LYS A 13 -11.25 4.26 26.58
CA LYS A 13 -10.50 3.03 26.86
C LYS A 13 -10.86 1.95 25.85
N ILE A 14 -12.17 1.80 25.62
CA ILE A 14 -12.67 0.77 24.73
C ILE A 14 -12.21 1.02 23.29
N VAL A 15 -12.32 2.26 22.83
CA VAL A 15 -11.90 2.60 21.47
C VAL A 15 -10.40 2.33 21.26
N VAL A 16 -9.59 2.76 22.22
CA VAL A 16 -8.14 2.55 22.10
C VAL A 16 -7.81 1.05 22.09
N GLU A 17 -8.47 0.28 22.96
CA GLU A 17 -8.25 -1.16 22.98
C GLU A 17 -8.58 -1.76 21.61
N ARG A 18 -9.69 -1.36 21.01
CA ARG A 18 -10.07 -1.88 19.71
C ARG A 18 -9.09 -1.48 18.61
N LEU A 19 -8.62 -0.24 18.66
CA LEU A 19 -7.66 0.24 17.68
C LEU A 19 -6.35 -0.54 17.76
N VAL A 20 -5.83 -0.67 18.96
CA VAL A 20 -4.57 -1.36 19.18
C VAL A 20 -4.69 -2.84 18.80
N GLU A 21 -5.79 -3.46 19.21
CA GLU A 21 -6.07 -4.85 18.87
C GLU A 21 -6.08 -5.09 17.36
N ARG A 22 -6.76 -4.22 16.63
CA ARG A 22 -6.86 -4.37 15.19
C ARG A 22 -5.49 -4.20 14.54
N GLN A 23 -4.74 -3.19 14.97
CA GLN A 23 -3.40 -2.96 14.43
C GLN A 23 -2.46 -4.13 14.72
N LYS A 24 -2.45 -4.61 15.98
CA LYS A 24 -1.60 -5.74 16.38
C LYS A 24 -1.94 -6.97 15.53
N LEU A 25 -3.24 -7.19 15.28
CA LEU A 25 -3.71 -8.33 14.49
C LEU A 25 -3.28 -8.30 13.02
N GLU A 26 -3.35 -7.12 12.41
CA GLU A 26 -2.98 -6.93 11.00
C GLU A 26 -1.48 -6.93 10.79
N ASN A 27 -0.72 -6.69 11.86
CA ASN A 27 0.72 -6.53 11.76
C ASN A 27 1.50 -7.51 12.63
N GLU A 28 1.21 -8.79 12.45
CA GLU A 28 2.01 -9.88 13.03
C GLU A 28 2.13 -9.77 14.56
N GLY A 29 1.05 -9.34 15.22
CA GLY A 29 1.02 -9.23 16.67
C GLY A 29 1.86 -8.10 17.26
N LYS A 30 2.29 -7.17 16.42
CA LYS A 30 3.18 -6.10 16.86
C LYS A 30 2.41 -4.82 17.23
N TYR A 31 2.75 -4.22 18.36
CA TYR A 31 2.18 -2.91 18.74
C TYR A 31 2.79 -1.80 17.90
N PRO A 32 1.97 -0.83 17.48
CA PRO A 32 2.52 0.34 16.78
C PRO A 32 3.26 1.22 17.77
N GLU A 33 4.35 1.82 17.31
CA GLU A 33 5.13 2.65 18.22
C GLU A 33 4.58 4.06 18.36
N THR A 34 3.95 4.58 17.30
CA THR A 34 3.37 5.93 17.30
C THR A 34 2.09 5.94 16.50
N ILE A 35 1.08 6.61 17.05
CA ILE A 35 -0.17 6.89 16.35
C ILE A 35 -0.25 8.40 16.10
N ALA A 36 -0.41 8.79 14.84
CA ALA A 36 -0.64 10.19 14.48
C ALA A 36 -2.14 10.37 14.37
N LEU A 37 -2.68 11.38 15.07
CA LEU A 37 -4.13 11.52 15.18
C LEU A 37 -4.55 12.98 15.14
N VAL A 38 -5.85 13.19 14.99
CA VAL A 38 -6.40 14.54 14.97
C VAL A 38 -7.41 14.65 16.10
N LEU A 39 -7.40 15.77 16.81
CA LEU A 39 -8.43 16.09 17.79
C LEU A 39 -9.25 17.27 17.32
N TRP A 40 -10.57 17.08 17.23
CA TRP A 40 -11.52 18.10 16.80
C TRP A 40 -12.15 18.75 18.01
N GLY A 41 -12.24 20.08 17.98
CA GLY A 41 -12.76 20.83 19.12
C GLY A 41 -14.23 20.64 19.40
N THR A 42 -15.08 20.78 18.38
CA THR A 42 -16.51 20.56 18.58
C THR A 42 -16.82 19.16 19.08
N ASP A 43 -16.14 18.14 18.55
CA ASP A 43 -16.29 16.76 19.03
C ASP A 43 -16.09 16.68 20.52
N ASN A 44 -14.97 17.24 20.98
CA ASN A 44 -14.60 17.11 22.38
C ASN A 44 -15.54 17.88 23.30
N ILE A 45 -16.15 18.96 22.81
CA ILE A 45 -17.23 19.62 23.54
C ILE A 45 -18.41 18.67 23.73
N LYS A 46 -18.82 18.04 22.64
CA LYS A 46 -20.02 17.20 22.62
C LYS A 46 -19.87 15.94 23.47
N THR A 47 -18.65 15.40 23.54
CA THR A 47 -18.40 14.12 24.22
C THR A 47 -17.72 14.28 25.58
N TYR A 48 -17.47 15.51 26.00
CA TYR A 48 -16.77 15.78 27.26
C TYR A 48 -15.37 15.15 27.28
N GLY A 49 -14.74 15.19 26.11
CA GLY A 49 -13.33 14.85 25.97
C GLY A 49 -13.01 13.41 25.64
N GLU A 50 -13.88 12.71 24.91
CA GLU A 50 -13.60 11.31 24.57
C GLU A 50 -12.33 11.12 23.75
N SER A 51 -12.21 11.84 22.64
CA SER A 51 -11.01 11.63 21.81
C SER A 51 -9.73 12.15 22.48
N LEU A 52 -9.86 13.22 23.27
CA LEU A 52 -8.77 13.64 24.16
C LEU A 52 -8.37 12.51 25.11
N GLY A 53 -9.37 11.89 25.72
CA GLY A 53 -9.12 10.79 26.66
C GLY A 53 -8.45 9.60 26.00
N GLN A 54 -8.74 9.37 24.72
CA GLN A 54 -8.07 8.31 23.97
C GLN A 54 -6.55 8.51 23.94
N VAL A 55 -6.11 9.76 23.77
CA VAL A 55 -4.67 10.03 23.79
C VAL A 55 -4.08 9.63 25.15
N LEU A 56 -4.77 10.00 26.23
CA LEU A 56 -4.33 9.63 27.56
C LEU A 56 -4.20 8.12 27.71
N TRP A 57 -5.15 7.35 27.19
CA TRP A 57 -5.07 5.90 27.24
CA TRP A 57 -5.02 5.92 27.30
C TRP A 57 -3.92 5.34 26.42
N MET A 58 -3.65 5.94 25.26
CA MET A 58 -2.54 5.48 24.41
C MET A 58 -1.20 5.52 25.17
N ILE A 59 -0.94 6.65 25.83
CA ILE A 59 0.31 6.84 26.55
C ILE A 59 0.27 6.21 27.94
N GLY A 60 -0.92 5.82 28.39
CA GLY A 60 -1.08 5.15 29.67
C GLY A 60 -1.08 6.06 30.87
N VAL A 61 -1.89 7.12 30.82
CA VAL A 61 -2.11 7.95 31.98
C VAL A 61 -3.61 8.09 32.24
N ARG A 62 -3.94 8.42 33.49
CA ARG A 62 -5.32 8.74 33.82
C ARG A 62 -5.46 10.14 34.37
N PRO A 63 -6.52 10.84 33.96
CA PRO A 63 -6.77 12.18 34.46
C PRO A 63 -7.23 12.14 35.91
N ILE A 64 -6.84 13.15 36.68
CA ILE A 64 -7.21 13.27 38.08
C ILE A 64 -7.91 14.61 38.27
N ALA A 65 -9.13 14.56 38.80
CA ALA A 65 -9.85 15.78 39.16
C ALA A 65 -9.38 16.25 40.53
N ASP A 66 -9.12 17.54 40.66
CA ASP A 66 -8.71 18.11 41.94
C ASP A 66 -9.91 18.28 42.88
N THR A 67 -9.69 18.92 44.02
CA THR A 67 -10.73 19.10 45.03
C THR A 67 -11.88 19.98 44.54
N PHE A 68 -11.61 20.81 43.53
CA PHE A 68 -12.63 21.68 42.92
C PHE A 68 -13.28 21.04 41.70
N GLY A 69 -12.89 19.80 41.40
CA GLY A 69 -13.47 19.03 40.30
C GLY A 69 -12.86 19.33 38.94
N ARG A 70 -11.73 20.04 38.93
CA ARG A 70 -11.06 20.40 37.69
C ARG A 70 -9.97 19.40 37.37
N VAL A 71 -9.92 18.96 36.12
CA VAL A 71 -8.89 18.02 35.68
C VAL A 71 -7.66 18.79 35.20
N ASN A 72 -6.62 18.80 36.02
CA ASN A 72 -5.41 19.58 35.69
C ASN A 72 -4.11 18.82 35.94
N ARG A 73 -4.22 17.52 36.20
CA ARG A 73 -3.05 16.64 36.26
C ARG A 73 -3.42 15.23 35.88
N VAL A 74 -2.40 14.43 35.60
CA VAL A 74 -2.57 13.01 35.34
C VAL A 74 -1.66 12.20 36.25
N GLU A 75 -1.93 10.90 36.34
CA GLU A 75 -1.04 9.96 36.99
C GLU A 75 -0.80 8.83 36.00
N PRO A 76 0.43 8.33 35.93
CA PRO A 76 0.65 7.18 35.07
C PRO A 76 -0.11 5.94 35.54
N VAL A 77 -0.65 5.22 34.57
CA VAL A 77 -1.15 3.87 34.70
C VAL A 77 0.08 2.96 34.77
N SER A 78 0.09 1.98 35.67
CA SER A 78 1.22 1.04 35.73
C SER A 78 1.30 0.21 34.45
N LEU A 79 2.49 -0.30 34.15
CA LEU A 79 2.63 -1.16 32.99
C LEU A 79 1.81 -2.43 33.14
N GLU A 80 1.69 -2.91 34.38
CA GLU A 80 0.85 -4.08 34.65
C GLU A 80 -0.61 -3.80 34.30
N GLU A 81 -1.12 -2.64 34.69
CA GLU A 81 -2.50 -2.28 34.33
C GLU A 81 -2.65 -2.09 32.82
N LEU A 82 -1.70 -1.39 32.22
CA LEU A 82 -1.80 -1.06 30.81
C LEU A 82 -1.76 -2.33 29.95
N GLY A 83 -0.91 -3.28 30.32
CA GLY A 83 -0.87 -4.58 29.67
C GLY A 83 -0.21 -4.60 28.31
N ARG A 84 0.48 -3.51 27.96
CA ARG A 84 1.13 -3.33 26.67
C ARG A 84 2.09 -2.15 26.84
N PRO A 85 2.93 -1.89 25.83
CA PRO A 85 3.75 -0.69 25.90
C PRO A 85 2.93 0.60 25.85
N ARG A 86 3.49 1.66 26.41
CA ARG A 86 2.96 3.00 26.17
C ARG A 86 3.25 3.36 24.73
N ILE A 87 2.22 3.82 24.04
CA ILE A 87 2.31 4.16 22.61
C ILE A 87 2.46 5.67 22.44
N ASP A 88 3.45 6.08 21.64
CA ASP A 88 3.67 7.48 21.35
C ASP A 88 2.56 8.03 20.44
N VAL A 89 2.37 9.34 20.48
CA VAL A 89 1.26 10.00 19.80
C VAL A 89 1.72 11.31 19.19
N VAL A 90 1.28 11.60 17.98
CA VAL A 90 1.41 12.94 17.44
C VAL A 90 0.01 13.52 17.44
N VAL A 91 -0.19 14.53 18.27
CA VAL A 91 -1.54 15.07 18.52
C VAL A 91 -1.74 16.32 17.68
N ASN A 92 -2.46 16.16 16.58
CA ASN A 92 -2.74 17.31 15.69
C ASN A 92 -4.08 17.89 16.10
N CYS A 93 -4.01 18.98 16.88
CA CYS A 93 -5.24 19.62 17.39
C CYS A 93 -5.78 20.58 16.34
N SER A 94 -7.09 20.55 16.12
CA SER A 94 -7.68 21.52 15.21
C SER A 94 -7.58 22.92 15.81
N GLY A 95 -7.75 23.93 14.97
CA GLY A 95 -7.71 25.31 15.42
C GLY A 95 -8.79 25.59 16.45
N VAL A 96 -9.97 25.02 16.25
CA VAL A 96 -11.03 25.15 17.24
C VAL A 96 -10.64 24.47 18.56
N PHE A 97 -10.05 23.28 18.49
CA PHE A 97 -9.57 22.62 19.70
C PHE A 97 -8.60 23.54 20.44
N ARG A 98 -7.64 24.12 19.71
CA ARG A 98 -6.65 25.01 20.30
C ARG A 98 -7.33 26.21 20.98
N ASP A 99 -8.32 26.79 20.30
CA ASP A 99 -9.00 27.98 20.83
C ASP A 99 -9.77 27.67 22.11
N LEU A 100 -10.35 26.47 22.19
CA LEU A 100 -11.25 26.15 23.29
C LEU A 100 -10.65 25.34 24.41
N PHE A 101 -9.52 24.68 24.15
CA PHE A 101 -8.97 23.69 25.07
C PHE A 101 -7.49 23.92 25.41
N ILE A 102 -7.10 25.18 25.62
CA ILE A 102 -5.73 25.52 26.05
C ILE A 102 -5.32 24.68 27.25
N ASN A 103 -6.18 24.61 28.26
CA ASN A 103 -5.84 23.91 29.49
C ASN A 103 -5.59 22.43 29.23
N GLN A 104 -6.29 21.87 28.25
CA GLN A 104 -6.15 20.44 27.93
C GLN A 104 -4.93 20.17 27.05
N MET A 105 -4.55 21.13 26.21
CA MET A 105 -3.25 21.04 25.54
C MET A 105 -2.10 21.05 26.55
N ASN A 106 -2.23 21.89 27.58
CA ASN A 106 -1.29 21.94 28.70
C ASN A 106 -1.24 20.60 29.42
N LEU A 107 -2.43 20.06 29.75
CA LEU A 107 -2.57 18.75 30.40
C LEU A 107 -1.85 17.68 29.60
N LEU A 108 -2.12 17.62 28.30
CA LEU A 108 -1.53 16.61 27.42
C LEU A 108 -0.02 16.73 27.34
N ASP A 109 0.48 17.96 27.14
CA ASP A 109 1.90 18.15 27.01
C ASP A 109 2.63 17.73 28.29
N ARG A 110 2.10 18.16 29.42
CA ARG A 110 2.67 17.77 30.71
C ARG A 110 2.65 16.25 30.89
N ALA A 111 1.55 15.63 30.51
CA ALA A 111 1.40 14.17 30.61
C ALA A 111 2.44 13.44 29.78
N ILE A 112 2.62 13.88 28.53
CA ILE A 112 3.51 13.22 27.60
C ILE A 112 4.96 13.38 28.04
N LYS A 113 5.33 14.57 28.50
CA LYS A 113 6.68 14.80 29.02
C LYS A 113 6.96 13.94 30.26
N MET A 114 5.97 13.84 31.14
CA MET A 114 6.05 13.00 32.34
CA MET A 114 6.11 13.01 32.33
C MET A 114 6.30 11.55 31.92
N VAL A 115 5.55 11.05 30.95
CA VAL A 115 5.72 9.68 30.47
C VAL A 115 7.11 9.46 29.87
N ALA A 116 7.59 10.43 29.10
CA ALA A 116 8.91 10.33 28.48
C ALA A 116 10.00 10.09 29.51
N GLU A 117 9.83 10.69 30.68
CA GLU A 117 10.85 10.66 31.74
C GLU A 117 10.72 9.47 32.70
N LEU A 118 9.69 8.63 32.55
CA LEU A 118 9.60 7.44 33.42
C LEU A 118 10.79 6.52 33.20
N ASP A 119 11.27 5.95 34.31
CA ASP A 119 12.45 5.07 34.27
C ASP A 119 12.00 3.65 33.87
N GLU A 120 11.68 3.49 32.59
CA GLU A 120 11.07 2.28 32.06
C GLU A 120 11.82 1.77 30.85
N PRO A 121 11.75 0.45 30.59
CA PRO A 121 12.34 -0.08 29.37
C PRO A 121 11.79 0.64 28.14
N VAL A 122 12.65 0.96 27.18
CA VAL A 122 12.17 1.64 25.98
C VAL A 122 11.20 0.78 25.18
N GLU A 123 11.33 -0.54 25.27
CA GLU A 123 10.40 -1.42 24.57
C GLU A 123 9.02 -1.50 25.23
N GLN A 124 8.89 -0.91 26.41
CA GLN A 124 7.59 -0.80 27.09
C GLN A 124 7.07 0.64 27.15
N ASN A 125 7.85 1.58 26.62
CA ASN A 125 7.48 2.99 26.68
C ASN A 125 8.01 3.67 25.43
N PHE A 126 7.18 3.69 24.39
CA PHE A 126 7.62 4.18 23.09
C PHE A 126 7.75 5.70 23.04
N VAL A 127 7.06 6.39 23.93
CA VAL A 127 7.24 7.83 24.07
C VAL A 127 8.71 8.08 24.47
N ARG A 128 9.16 7.38 25.53
CA ARG A 128 10.55 7.49 25.98
C ARG A 128 11.50 6.99 24.91
N LYS A 129 11.21 5.86 24.26
CA LYS A 129 12.08 5.34 23.21
C LYS A 129 12.39 6.43 22.19
N HIS A 130 11.33 7.07 21.68
CA HIS A 130 11.50 8.07 20.64
C HIS A 130 12.10 9.36 21.17
N ALA A 131 11.64 9.81 22.34
CA ALA A 131 12.16 11.05 22.91
C ALA A 131 13.66 10.98 23.20
N LEU A 132 14.12 9.83 23.67
CA LEU A 132 15.57 9.64 23.89
C LEU A 132 16.34 9.77 22.58
N GLU A 133 15.85 9.13 21.52
CA GLU A 133 16.50 9.19 20.21
C GLU A 133 16.48 10.61 19.64
N GLN A 134 15.35 11.28 19.76
CA GLN A 134 15.19 12.64 19.24
C GLN A 134 16.04 13.64 20.03
N ALA A 135 16.11 13.45 21.35
CA ALA A 135 16.96 14.26 22.21
C ALA A 135 18.42 14.16 21.77
N GLU A 136 18.87 12.95 21.48
CA GLU A 136 20.24 12.72 21.01
C GLU A 136 20.46 13.30 19.62
N ALA A 137 19.49 13.12 18.71
CA ALA A 137 19.62 13.65 17.36
C ALA A 137 19.69 15.17 17.31
N LEU A 138 18.92 15.83 18.17
CA LEU A 138 18.81 17.28 18.16
C LEU A 138 19.68 17.97 19.20
N GLY A 139 20.23 17.18 20.12
CA GLY A 139 21.05 17.70 21.21
C GLY A 139 20.28 18.47 22.27
N ILE A 140 19.00 18.13 22.44
CA ILE A 140 18.12 18.85 23.34
C ILE A 140 17.71 17.94 24.51
N ASP A 141 17.07 18.53 25.54
CA ASP A 141 16.62 17.76 26.69
C ASP A 141 15.47 16.83 26.28
N ILE A 142 15.37 15.70 26.96
CA ILE A 142 14.29 14.77 26.67
C ILE A 142 12.89 15.40 26.73
N ARG A 143 12.64 16.33 27.64
CA ARG A 143 11.31 16.96 27.72
C ARG A 143 11.03 17.82 26.50
N GLU A 144 12.06 18.49 25.99
CA GLU A 144 11.93 19.25 24.75
C GLU A 144 11.68 18.32 23.56
N ALA A 145 12.38 17.18 23.54
CA ALA A 145 12.16 16.22 22.46
C ALA A 145 10.76 15.60 22.51
N ALA A 146 10.22 15.45 23.72
CA ALA A 146 8.89 14.87 23.95
C ALA A 146 7.80 15.93 23.77
N THR A 147 7.84 16.58 22.61
CA THR A 147 6.85 17.58 22.20
C THR A 147 5.96 16.93 21.16
N ARG A 148 4.67 16.84 21.49
CA ARG A 148 3.71 16.09 20.68
C ARG A 148 2.38 16.79 20.45
N VAL A 149 2.18 17.94 21.09
CA VAL A 149 0.86 18.57 21.07
C VAL A 149 0.95 19.77 20.13
N PHE A 150 0.44 19.58 18.92
CA PHE A 150 0.63 20.52 17.83
C PHE A 150 -0.71 21.07 17.35
N SER A 151 -0.64 22.22 16.67
CA SER A 151 -1.80 22.82 16.03
CA SER A 151 -1.80 22.82 16.02
C SER A 151 -1.35 23.87 15.03
N ASN A 152 -2.33 24.50 14.40
CA ASN A 152 -2.09 25.74 13.67
C ASN A 152 -1.62 26.82 14.65
N ALA A 153 -0.93 27.82 14.10
CA ALA A 153 -0.62 29.02 14.86
C ALA A 153 -1.89 29.69 15.31
N SER A 154 -1.82 30.45 16.39
CA SER A 154 -2.94 31.25 16.88
CA SER A 154 -2.98 31.19 16.86
C SER A 154 -3.55 32.05 15.74
N GLY A 155 -4.87 32.01 15.59
CA GLY A 155 -5.55 32.75 14.51
C GLY A 155 -5.57 32.07 13.15
N SER A 156 -5.02 30.85 13.08
CA SER A 156 -5.00 30.10 11.83
C SER A 156 -5.80 28.81 11.96
N TYR A 157 -6.38 28.39 10.84
CA TYR A 157 -7.28 27.24 10.79
C TYR A 157 -7.04 26.47 9.51
N SER A 158 -6.95 25.14 9.64
CA SER A 158 -6.83 24.20 8.52
C SER A 158 -5.43 24.18 7.93
N ALA A 159 -5.17 23.14 7.13
CA ALA A 159 -3.90 23.03 6.42
C ALA A 159 -3.92 23.79 5.10
N ASN A 160 -5.05 24.42 4.77
CA ASN A 160 -5.30 25.01 3.45
C ASN A 160 -5.21 23.98 2.32
N ILE A 161 -5.34 22.70 2.68
CA ILE A 161 -5.36 21.63 1.71
C ILE A 161 -6.76 21.51 1.09
N SER A 162 -7.80 21.61 1.92
CA SER A 162 -9.15 21.66 1.34
C SER A 162 -9.32 22.87 0.40
N LEU A 163 -8.68 23.99 0.75
CA LEU A 163 -8.72 25.16 -0.12
C LEU A 163 -8.04 24.84 -1.47
N ALA A 164 -6.85 24.23 -1.41
CA ALA A 164 -6.15 23.86 -2.65
C ALA A 164 -6.93 22.87 -3.49
N VAL A 165 -7.55 21.89 -2.83
CA VAL A 165 -8.34 20.89 -3.54
C VAL A 165 -9.55 21.53 -4.21
N GLU A 166 -10.24 22.41 -3.48
CA GLU A 166 -11.38 23.15 -4.05
C GLU A 166 -10.97 23.93 -5.30
N ASN A 167 -9.80 24.57 -5.25
CA ASN A 167 -9.34 25.42 -6.34
C ASN A 167 -8.55 24.67 -7.42
N SER A 168 -8.27 23.39 -7.16
CA SER A 168 -7.41 22.57 -8.00
C SER A 168 -6.09 23.27 -8.32
N SER A 169 -5.57 24.02 -7.33
CA SER A 169 -4.47 24.97 -7.52
C SER A 169 -3.07 24.39 -7.30
N TRP A 170 -3.01 23.10 -7.01
CA TRP A 170 -1.78 22.46 -6.56
C TRP A 170 -1.23 21.50 -7.62
N ASN A 171 0.09 21.32 -7.61
CA ASN A 171 0.74 20.48 -8.62
C ASN A 171 0.99 19.06 -8.14
N ASP A 172 1.49 18.92 -6.92
CA ASP A 172 1.76 17.59 -6.40
C ASP A 172 1.52 17.49 -4.90
N GLU A 173 1.46 16.26 -4.42
CA GLU A 173 1.16 16.00 -3.02
C GLU A 173 2.23 16.59 -2.09
N LYS A 174 3.48 16.65 -2.56
CA LYS A 174 4.52 17.27 -1.76
C LYS A 174 4.22 18.73 -1.41
N GLN A 175 3.60 19.47 -2.33
CA GLN A 175 3.19 20.84 -2.02
C GLN A 175 2.16 20.89 -0.90
N LEU A 176 1.18 19.99 -0.94
CA LEU A 176 0.16 19.91 0.10
C LEU A 176 0.81 19.57 1.44
N GLN A 177 1.72 18.61 1.42
CA GLN A 177 2.41 18.15 2.63
C GLN A 177 3.33 19.21 3.21
N ASP A 178 4.03 19.94 2.34
CA ASP A 178 4.89 21.03 2.80
C ASP A 178 4.04 22.13 3.46
N MET A 179 2.83 22.35 2.94
CA MET A 179 1.92 23.32 3.53
CA MET A 179 1.91 23.31 3.53
C MET A 179 1.42 22.84 4.90
N TYR A 180 1.06 21.57 5.00
CA TYR A 180 0.67 20.98 6.30
C TYR A 180 1.82 21.19 7.31
N LEU A 181 3.05 20.89 6.90
CA LEU A 181 4.18 21.04 7.79
C LEU A 181 4.40 22.48 8.23
N SER A 182 4.22 23.42 7.31
CA SER A 182 4.41 24.83 7.62
C SER A 182 3.31 25.37 8.54
N ARG A 183 2.09 24.91 8.32
CA ARG A 183 0.94 25.46 9.03
C ARG A 183 0.64 24.80 10.37
N LYS A 184 0.98 23.52 10.53
CA LYS A 184 0.48 22.74 11.68
C LYS A 184 1.57 22.26 12.63
N SER A 185 2.75 22.85 12.50
CA SER A 185 3.93 22.50 13.29
C SER A 185 4.14 23.37 14.52
N PHE A 186 3.09 24.06 14.97
CA PHE A 186 3.17 24.90 16.16
C PHE A 186 2.85 24.07 17.39
N ALA A 187 3.70 24.15 18.39
CA ALA A 187 3.63 23.26 19.55
C ALA A 187 3.27 24.00 20.82
N PHE A 188 2.51 23.32 21.67
CA PHE A 188 2.29 23.82 23.01
C PHE A 188 3.44 23.38 23.90
N ASP A 189 3.87 24.27 24.79
CA ASP A 189 4.93 23.93 25.75
C ASP A 189 4.48 24.27 27.17
N SER A 190 4.11 23.24 27.92
CA SER A 190 3.70 23.42 29.30
C SER A 190 4.87 23.83 30.21
N ASP A 191 6.11 23.63 29.75
CA ASP A 191 7.29 24.09 30.49
C ASP A 191 7.58 25.58 30.25
N ALA A 192 6.94 26.17 29.24
CA ALA A 192 7.09 27.58 28.91
C ALA A 192 5.76 28.15 28.37
N PRO A 193 4.77 28.32 29.26
CA PRO A 193 3.42 28.80 28.93
C PRO A 193 3.39 30.11 28.11
N GLY A 194 4.24 31.07 28.50
CA GLY A 194 4.25 32.38 27.86
C GLY A 194 4.71 32.41 26.41
N ALA A 195 5.16 31.27 25.90
CA ALA A 195 5.67 31.19 24.54
C ALA A 195 4.57 31.01 23.47
N GLY A 196 3.36 30.66 23.91
CA GLY A 196 2.22 30.43 23.01
C GLY A 196 2.37 29.16 22.21
N MET A 197 1.72 29.11 21.05
CA MET A 197 1.92 28.03 20.08
C MET A 197 3.16 28.40 19.24
N ALA A 198 4.27 27.72 19.49
CA ALA A 198 5.57 28.07 18.89
C ALA A 198 6.04 27.02 17.89
N GLU A 199 6.64 27.47 16.79
CA GLU A 199 7.08 26.57 15.73
C GLU A 199 8.07 25.54 16.27
N LYS A 200 7.82 24.26 16.00
CA LYS A 200 8.77 23.17 16.32
C LYS A 200 8.76 22.20 15.16
N LYS A 201 9.12 22.72 14.00
CA LYS A 201 8.99 21.95 12.78
C LYS A 201 9.90 20.72 12.72
N GLN A 202 11.13 20.83 13.24
CA GLN A 202 12.05 19.69 13.23
C GLN A 202 11.52 18.54 14.06
N VAL A 203 11.06 18.84 15.28
CA VAL A 203 10.49 17.82 16.15
C VAL A 203 9.20 17.25 15.54
N PHE A 204 8.39 18.11 14.94
CA PHE A 204 7.14 17.66 14.30
C PHE A 204 7.44 16.63 13.21
N GLU A 205 8.40 16.94 12.35
CA GLU A 205 8.77 16.01 11.29
C GLU A 205 9.32 14.70 11.82
N MET A 206 10.19 14.78 12.82
CA MET A 206 10.73 13.57 13.44
C MET A 206 9.64 12.72 14.07
N ALA A 207 8.75 13.34 14.83
CA ALA A 207 7.68 12.60 15.48
C ALA A 207 6.77 11.95 14.45
N LEU A 208 6.37 12.72 13.42
CA LEU A 208 5.55 12.15 12.36
C LEU A 208 6.23 10.98 11.64
N SER A 209 7.56 11.07 11.47
CA SER A 209 8.28 10.01 10.78
C SER A 209 8.22 8.69 11.54
N THR A 210 7.94 8.75 12.84
CA THR A 210 7.83 7.52 13.63
C THR A 210 6.44 6.88 13.57
N ALA A 211 5.45 7.57 13.00
CA ALA A 211 4.08 7.08 13.00
C ALA A 211 3.89 5.88 12.11
N GLU A 212 3.19 4.88 12.66
CA GLU A 212 2.84 3.67 11.94
C GLU A 212 1.34 3.55 11.69
N VAL A 213 0.59 4.47 12.30
CA VAL A 213 -0.87 4.44 12.28
C VAL A 213 -1.34 5.89 12.21
N THR A 214 -2.41 6.15 11.44
CA THR A 214 -3.13 7.42 11.54
C THR A 214 -4.56 7.16 11.95
N PHE A 215 -5.17 8.15 12.61
CA PHE A 215 -6.43 7.91 13.29
C PHE A 215 -7.23 9.19 13.47
N GLN A 216 -8.53 9.09 13.22
CA GLN A 216 -9.49 10.15 13.57
C GLN A 216 -10.78 9.50 14.08
N ASN A 217 -11.54 10.27 14.84
CA ASN A 217 -12.89 9.89 15.27
C ASN A 217 -13.93 10.65 14.46
N LEU A 218 -14.96 9.94 14.01
CA LEU A 218 -16.11 10.55 13.32
C LEU A 218 -17.41 9.96 13.84
N ASP A 219 -18.50 10.73 13.74
CA ASP A 219 -19.82 10.16 13.91
C ASP A 219 -20.43 10.18 12.52
N SER A 220 -20.25 9.09 11.79
CA SER A 220 -20.60 9.03 10.38
C SER A 220 -22.09 9.22 10.09
N SER A 221 -22.94 8.95 11.09
CA SER A 221 -24.38 9.14 10.95
C SER A 221 -24.78 10.61 11.01
N GLU A 222 -23.90 11.44 11.60
CA GLU A 222 -24.09 12.88 11.69
C GLU A 222 -23.35 13.62 10.58
N ILE A 223 -22.04 13.38 10.48
CA ILE A 223 -21.19 13.97 9.46
C ILE A 223 -20.24 12.90 8.96
N SER A 224 -20.40 12.48 7.71
CA SER A 224 -19.52 11.46 7.13
C SER A 224 -18.22 12.09 6.65
N LEU A 225 -17.24 11.24 6.32
CA LEU A 225 -15.92 11.72 5.92
C LEU A 225 -15.93 12.53 4.63
N THR A 226 -17.01 12.43 3.84
CA THR A 226 -17.12 13.19 2.61
C THR A 226 -18.23 14.24 2.66
N ASP A 227 -18.92 14.37 3.80
CA ASP A 227 -19.94 15.43 3.96
C ASP A 227 -19.31 16.81 4.02
N VAL A 228 -18.04 16.84 4.42
CA VAL A 228 -17.28 18.06 4.68
C VAL A 228 -15.88 17.85 4.16
N SER A 229 -15.10 18.92 4.12
CA SER A 229 -13.71 18.82 3.64
C SER A 229 -12.65 18.80 4.74
N HIS A 230 -13.05 19.09 5.98
CA HIS A 230 -12.03 19.31 7.01
C HIS A 230 -11.31 18.05 7.48
N TYR A 231 -11.95 16.89 7.34
CA TYR A 231 -11.32 15.65 7.78
C TYR A 231 -10.17 15.26 6.88
N PHE A 232 -10.33 15.35 5.55
CA PHE A 232 -9.19 15.06 4.68
C PHE A 232 -8.14 16.14 4.82
N ASP A 233 -8.56 17.39 5.03
CA ASP A 233 -7.61 18.49 5.14
C ASP A 233 -6.56 18.21 6.24
N SER A 234 -6.99 17.64 7.36
CA SER A 234 -6.08 17.35 8.48
C SER A 234 -5.50 15.93 8.48
N ASP A 235 -5.87 15.11 7.50
CA ASP A 235 -5.41 13.72 7.44
C ASP A 235 -3.89 13.68 7.23
N PRO A 236 -3.15 13.08 8.18
CA PRO A 236 -1.69 13.04 8.03
C PRO A 236 -1.13 11.77 7.37
N THR A 237 -1.97 10.94 6.75
CA THR A 237 -1.53 9.64 6.21
C THR A 237 -0.37 9.72 5.19
N ASN A 238 -0.58 10.40 4.08
CA ASN A 238 0.50 10.51 3.08
C ASN A 238 1.65 11.36 3.59
N LEU A 239 1.35 12.32 4.45
CA LEU A 239 2.38 13.17 5.05
C LEU A 239 3.38 12.32 5.83
N VAL A 240 2.87 11.44 6.69
CA VAL A 240 3.70 10.51 7.45
C VAL A 240 4.54 9.66 6.51
N GLN A 241 3.89 9.12 5.48
CA GLN A 241 4.58 8.27 4.52
C GLN A 241 5.79 8.96 3.91
N SER A 242 5.59 10.21 3.50
N SER A 242 5.60 10.20 3.46
CA SER A 242 6.62 11.01 2.85
CA SER A 242 6.68 10.94 2.84
C SER A 242 7.79 11.37 3.75
C SER A 242 7.87 11.17 3.78
N LEU A 243 7.56 11.32 5.07
CA LEU A 243 8.60 11.62 6.07
C LEU A 243 9.36 10.40 6.55
N ARG A 244 8.82 9.22 6.30
CA ARG A 244 9.48 7.98 6.69
C ARG A 244 10.60 7.63 5.71
N LYS A 245 11.72 7.15 6.25
CA LYS A 245 12.84 6.68 5.44
C LYS A 245 12.39 5.56 4.50
N ASP A 246 11.49 4.70 4.98
CA ASP A 246 11.05 3.59 4.17
C ASP A 246 9.89 3.92 3.23
N LYS A 247 9.37 5.14 3.34
CA LYS A 247 8.24 5.57 2.51
C LYS A 247 7.05 4.62 2.62
N LYS A 248 6.92 3.99 3.79
CA LYS A 248 5.82 3.07 4.06
C LYS A 248 4.58 3.87 4.51
N LYS A 249 3.46 3.68 3.83
CA LYS A 249 2.23 4.33 4.24
C LYS A 249 1.79 3.77 5.60
N PRO A 250 1.52 4.65 6.58
CA PRO A 250 0.99 4.12 7.84
C PRO A 250 -0.39 3.51 7.64
N SER A 251 -0.75 2.57 8.50
CA SER A 251 -2.10 2.03 8.49
C SER A 251 -3.06 3.11 8.99
N SER A 252 -4.17 3.29 8.30
CA SER A 252 -5.08 4.40 8.58
C SER A 252 -6.42 3.84 9.05
N TYR A 253 -6.93 4.41 10.14
CA TYR A 253 -8.19 3.97 10.76
C TYR A 253 -9.07 5.16 11.10
N ILE A 254 -10.37 4.87 11.19
CA ILE A 254 -11.37 5.82 11.63
C ILE A 254 -12.24 5.12 12.68
N ALA A 255 -12.40 5.73 13.85
CA ALA A 255 -13.37 5.25 14.84
C ALA A 255 -14.69 5.91 14.56
N ASP A 256 -15.70 5.10 14.26
CA ASP A 256 -17.04 5.57 13.94
C ASP A 256 -17.87 5.45 15.21
N THR A 257 -18.27 6.59 15.75
CA THR A 257 -19.02 6.65 17.01
C THR A 257 -20.53 6.81 16.81
N THR A 258 -21.04 6.30 15.69
CA THR A 258 -22.48 6.28 15.41
C THR A 258 -23.27 5.50 16.47
N THR A 259 -22.80 4.30 16.79
CA THR A 259 -23.45 3.43 17.76
C THR A 259 -22.76 3.61 19.11
N ALA A 260 -23.39 3.13 20.19
CA ALA A 260 -22.81 3.17 21.53
C ALA A 260 -21.42 2.54 21.54
N ASN A 261 -21.31 1.35 20.96
CA ASN A 261 -20.03 0.69 20.75
C ASN A 261 -19.38 1.18 19.47
N ALA A 262 -18.42 2.10 19.63
CA ALA A 262 -17.72 2.73 18.51
C ALA A 262 -16.88 1.72 17.74
N GLN A 263 -17.07 1.71 16.42
CA GLN A 263 -16.43 0.74 15.56
C GLN A 263 -15.17 1.30 14.93
N VAL A 264 -14.05 0.64 15.17
CA VAL A 264 -12.80 1.02 14.54
C VAL A 264 -12.74 0.28 13.22
N ARG A 265 -12.66 1.04 12.12
CA ARG A 265 -12.53 0.49 10.77
C ARG A 265 -11.31 1.10 10.13
N THR A 266 -10.78 0.44 9.10
CA THR A 266 -9.74 1.09 8.31
C THR A 266 -10.36 2.30 7.60
N LEU A 267 -9.51 3.26 7.25
CA LEU A 267 -9.95 4.39 6.45
C LEU A 267 -10.52 3.91 5.12
N SER A 268 -9.88 2.92 4.49
CA SER A 268 -10.36 2.32 3.24
CA SER A 268 -10.42 2.44 3.22
C SER A 268 -11.79 1.79 3.37
N GLU A 269 -12.03 1.06 4.46
CA GLU A 269 -13.37 0.51 4.73
C GLU A 269 -14.37 1.63 4.98
N THR A 270 -13.93 2.69 5.64
CA THR A 270 -14.78 3.86 5.90
C THR A 270 -15.17 4.55 4.59
N VAL A 271 -14.20 4.67 3.67
CA VAL A 271 -14.48 5.20 2.34
C VAL A 271 -15.51 4.33 1.61
N ARG A 272 -15.32 3.01 1.67
CA ARG A 272 -16.23 2.08 1.01
C ARG A 272 -17.65 2.25 1.52
N LEU A 273 -17.81 2.21 2.85
CA LEU A 273 -19.13 2.34 3.46
C LEU A 273 -19.79 3.66 3.08
N ASP A 274 -19.02 4.74 3.11
CA ASP A 274 -19.55 6.05 2.77
C ASP A 274 -19.96 6.15 1.30
N ALA A 275 -19.15 5.61 0.39
CA ALA A 275 -19.49 5.62 -1.03
C ALA A 275 -20.79 4.83 -1.27
N ARG A 276 -20.96 3.73 -0.56
CA ARG A 276 -22.16 2.91 -0.66
C ARG A 276 -23.39 3.57 -0.02
N THR A 277 -23.16 4.53 0.87
CA THR A 277 -24.22 5.23 1.58
C THR A 277 -24.59 6.53 0.86
N LYS A 278 -23.60 7.14 0.22
CA LYS A 278 -23.73 8.48 -0.35
C LYS A 278 -23.53 8.47 -1.88
N LEU A 279 -22.31 8.75 -2.33
CA LEU A 279 -22.05 9.00 -3.76
C LEU A 279 -22.64 7.96 -4.71
N LEU A 280 -22.49 6.68 -4.36
CA LEU A 280 -22.91 5.59 -5.25
C LEU A 280 -24.21 4.92 -4.82
N ASN A 281 -24.89 5.53 -3.87
CA ASN A 281 -26.17 5.05 -3.40
C ASN A 281 -27.31 5.67 -4.20
N PRO A 282 -28.07 4.85 -4.96
CA PRO A 282 -29.17 5.38 -5.76
C PRO A 282 -30.16 6.26 -4.97
N LYS A 283 -30.49 5.86 -3.74
CA LYS A 283 -31.38 6.65 -2.89
C LYS A 283 -30.82 8.04 -2.61
N TRP A 284 -29.51 8.12 -2.37
CA TRP A 284 -28.88 9.42 -2.11
C TRP A 284 -28.79 10.29 -3.36
N TYR A 285 -28.22 9.77 -4.44
CA TYR A 285 -28.03 10.60 -5.63
C TYR A 285 -29.33 10.93 -6.36
N GLU A 286 -30.29 10.01 -6.34
CA GLU A 286 -31.61 10.31 -6.90
C GLU A 286 -32.34 11.36 -6.06
N GLY A 287 -32.18 11.28 -4.75
CA GLY A 287 -32.69 12.31 -3.84
C GLY A 287 -32.12 13.68 -4.17
N MET A 288 -30.83 13.72 -4.49
CA MET A 288 -30.16 14.95 -4.89
C MET A 288 -30.64 15.46 -6.25
N MET A 289 -30.80 14.54 -7.21
CA MET A 289 -31.36 14.88 -8.53
C MET A 289 -32.76 15.48 -8.42
N SER A 290 -33.56 14.95 -7.50
CA SER A 290 -34.90 15.48 -7.23
C SER A 290 -34.87 16.88 -6.61
N SER A 291 -33.72 17.25 -6.04
CA SER A 291 -33.50 18.59 -5.49
C SER A 291 -32.93 19.56 -6.54
N GLY A 292 -32.81 19.08 -7.78
CA GLY A 292 -32.42 19.91 -8.90
C GLY A 292 -31.03 20.53 -8.80
N TYR A 293 -30.95 21.81 -9.16
CA TYR A 293 -29.70 22.58 -9.27
C TYR A 293 -28.77 22.42 -8.06
N GLU A 294 -29.32 22.60 -6.86
CA GLU A 294 -28.51 22.49 -5.65
C GLU A 294 -28.10 21.05 -5.36
N GLY A 295 -28.95 20.10 -5.76
CA GLY A 295 -28.64 18.68 -5.61
C GLY A 295 -27.42 18.26 -6.42
N VAL A 296 -27.31 18.77 -7.64
CA VAL A 296 -26.15 18.52 -8.48
C VAL A 296 -24.88 19.11 -7.87
N ARG A 297 -24.98 20.30 -7.29
CA ARG A 297 -23.85 20.91 -6.59
C ARG A 297 -23.34 20.00 -5.46
N GLU A 298 -24.28 19.34 -4.78
CA GLU A 298 -23.93 18.40 -3.71
C GLU A 298 -23.20 17.16 -4.24
N ILE A 299 -23.60 16.66 -5.39
CA ILE A 299 -22.93 15.52 -6.02
C ILE A 299 -21.50 15.91 -6.41
N GLU A 300 -21.37 17.10 -7.00
CA GLU A 300 -20.09 17.66 -7.39
C GLU A 300 -19.16 17.76 -6.17
N LYS A 301 -19.68 18.32 -5.08
CA LYS A 301 -18.88 18.50 -3.86
C LYS A 301 -18.44 17.17 -3.26
N ARG A 302 -19.32 16.18 -3.32
CA ARG A 302 -19.05 14.83 -2.83
C ARG A 302 -17.87 14.19 -3.58
N LEU A 303 -17.90 14.32 -4.90
CA LEU A 303 -16.83 13.81 -5.73
C LEU A 303 -15.52 14.56 -5.45
N SER A 304 -15.60 15.87 -5.26
CA SER A 304 -14.42 16.67 -4.91
C SER A 304 -13.80 16.22 -3.59
N ASN A 305 -14.64 16.02 -2.58
CA ASN A 305 -14.14 15.58 -1.27
C ASN A 305 -13.52 14.20 -1.32
N THR A 306 -14.01 13.35 -2.22
CA THR A 306 -13.44 12.03 -2.45
C THR A 306 -12.01 12.17 -3.00
N VAL A 307 -11.83 13.06 -3.97
CA VAL A 307 -10.50 13.35 -4.49
C VAL A 307 -9.59 13.89 -3.38
N GLY A 308 -10.15 14.69 -2.48
CA GLY A 308 -9.39 15.17 -1.32
C GLY A 308 -8.77 14.01 -0.55
N TRP A 309 -9.58 13.01 -0.22
CA TRP A 309 -9.06 11.82 0.45
C TRP A 309 -8.03 11.06 -0.39
N SER A 310 -8.19 11.01 -1.70
CA SER A 310 -7.13 10.41 -2.52
C SER A 310 -5.82 11.14 -2.32
N ALA A 311 -5.87 12.47 -2.36
CA ALA A 311 -4.67 13.31 -2.27
C ALA A 311 -3.94 13.20 -0.93
N THR A 312 -4.70 12.99 0.14
CA THR A 312 -4.12 13.00 1.47
C THR A 312 -3.79 11.60 2.01
N SER A 313 -4.44 10.56 1.49
CA SER A 313 -4.31 9.20 2.02
C SER A 313 -4.07 8.10 1.00
N GLY A 314 -4.46 8.33 -0.26
CA GLY A 314 -4.47 7.27 -1.25
C GLY A 314 -5.40 6.10 -0.93
N GLN A 315 -6.36 6.31 -0.03
CA GLN A 315 -7.23 5.21 0.42
C GLN A 315 -8.56 5.10 -0.31
N VAL A 316 -8.72 5.86 -1.39
CA VAL A 316 -9.90 5.70 -2.24
C VAL A 316 -9.53 4.78 -3.40
N ASP A 317 -10.13 3.59 -3.41
CA ASP A 317 -9.78 2.61 -4.41
C ASP A 317 -10.38 2.98 -5.77
N ASN A 318 -9.82 2.38 -6.81
CA ASN A 318 -10.16 2.74 -8.18
C ASN A 318 -11.64 2.57 -8.48
N TRP A 319 -12.25 1.55 -7.89
CA TRP A 319 -13.65 1.23 -8.16
C TRP A 319 -14.58 2.38 -7.80
N VAL A 320 -14.21 3.21 -6.83
CA VAL A 320 -15.09 4.32 -6.46
C VAL A 320 -15.26 5.26 -7.66
N TYR A 321 -14.16 5.64 -8.27
CA TYR A 321 -14.18 6.51 -9.45
C TYR A 321 -14.77 5.81 -10.65
N GLU A 322 -14.42 4.54 -10.85
CA GLU A 322 -14.91 3.80 -12.00
C GLU A 322 -16.44 3.65 -11.94
N GLU A 323 -16.95 3.30 -10.76
CA GLU A 323 -18.40 3.21 -10.58
C GLU A 323 -19.08 4.57 -10.68
N ALA A 324 -18.43 5.62 -10.18
CA ALA A 324 -18.98 6.97 -10.30
C ALA A 324 -19.09 7.37 -11.77
N ASN A 325 -18.07 7.05 -12.56
CA ASN A 325 -18.11 7.29 -13.99
C ASN A 325 -19.23 6.50 -14.66
N SER A 326 -19.39 5.23 -14.30
CA SER A 326 -20.47 4.41 -14.85
C SER A 326 -21.85 4.98 -14.50
N THR A 327 -22.00 5.44 -13.27
CA THR A 327 -23.28 5.92 -12.74
C THR A 327 -23.68 7.28 -13.32
N PHE A 328 -22.73 8.21 -13.39
CA PHE A 328 -23.04 9.60 -13.71
C PHE A 328 -22.76 10.01 -15.14
N ILE A 329 -21.86 9.30 -15.81
CA ILE A 329 -21.40 9.67 -17.15
C ILE A 329 -21.83 8.68 -18.21
N GLN A 330 -21.61 7.38 -17.95
CA GLN A 330 -21.90 6.33 -18.93
C GLN A 330 -23.39 5.99 -19.05
N ASP A 331 -24.15 6.29 -18.00
CA ASP A 331 -25.61 6.17 -18.05
C ASP A 331 -26.13 7.48 -18.65
N GLU A 332 -26.55 7.42 -19.91
CA GLU A 332 -26.97 8.62 -20.63
C GLU A 332 -28.16 9.34 -20.00
N GLU A 333 -29.05 8.58 -19.39
CA GLU A 333 -30.21 9.18 -18.74
C GLU A 333 -29.74 10.11 -17.61
N MET A 334 -28.81 9.62 -16.78
CA MET A 334 -28.28 10.43 -15.70
C MET A 334 -27.42 11.58 -16.22
N LEU A 335 -26.56 11.29 -17.20
CA LEU A 335 -25.70 12.29 -17.82
C LEU A 335 -26.49 13.50 -18.31
N ASN A 336 -27.56 13.23 -19.05
CA ASN A 336 -28.36 14.32 -19.59
C ASN A 336 -29.07 15.09 -18.50
N ARG A 337 -29.56 14.38 -17.49
CA ARG A 337 -30.23 15.02 -16.35
C ARG A 337 -29.25 15.94 -15.61
N LEU A 338 -28.00 15.52 -15.46
CA LEU A 338 -26.98 16.34 -14.81
C LEU A 338 -26.66 17.60 -15.60
N MET A 339 -26.41 17.43 -16.90
CA MET A 339 -26.01 18.53 -17.80
CA MET A 339 -26.01 18.55 -17.74
C MET A 339 -27.11 19.58 -17.92
N ASN A 340 -28.36 19.12 -17.94
CA ASN A 340 -29.50 20.03 -18.07
C ASN A 340 -29.85 20.73 -16.76
N THR A 341 -29.65 20.04 -15.65
CA THR A 341 -30.03 20.55 -14.33
C THR A 341 -29.08 21.65 -13.84
N ASN A 342 -27.78 21.42 -14.00
CA ASN A 342 -26.77 22.36 -13.54
C ASN A 342 -25.53 22.25 -14.40
N PRO A 343 -25.51 22.93 -15.57
CA PRO A 343 -24.39 22.80 -16.50
C PRO A 343 -23.04 23.19 -15.87
N ASN A 344 -23.01 24.26 -15.09
CA ASN A 344 -21.78 24.71 -14.44
C ASN A 344 -21.20 23.67 -13.48
N SER A 345 -22.04 23.09 -12.62
CA SER A 345 -21.61 22.06 -11.66
C SER A 345 -21.29 20.74 -12.36
N PHE A 346 -22.00 20.43 -13.44
CA PHE A 346 -21.68 19.27 -14.27
C PHE A 346 -20.31 19.44 -14.92
N ARG A 347 -20.00 20.65 -15.40
CA ARG A 347 -18.69 20.94 -15.96
C ARG A 347 -17.60 20.68 -14.91
N LYS A 348 -17.85 21.12 -13.68
CA LYS A 348 -16.92 20.88 -12.58
C LYS A 348 -16.76 19.39 -12.26
N MET A 349 -17.84 18.63 -12.37
CA MET A 349 -17.77 17.18 -12.21
C MET A 349 -16.87 16.55 -13.27
N LEU A 350 -17.04 16.96 -14.53
CA LEU A 350 -16.18 16.49 -15.61
C LEU A 350 -14.71 16.81 -15.33
N GLN A 351 -14.45 18.05 -14.89
CA GLN A 351 -13.10 18.45 -14.50
C GLN A 351 -12.55 17.57 -13.37
N THR A 352 -13.40 17.24 -12.40
CA THR A 352 -12.96 16.42 -11.27
C THR A 352 -12.61 15.00 -11.71
N PHE A 353 -13.42 14.41 -12.58
CA PHE A 353 -13.10 13.12 -13.15
C PHE A 353 -11.77 13.15 -13.91
N LEU A 354 -11.59 14.18 -14.75
CA LEU A 354 -10.38 14.29 -15.54
C LEU A 354 -9.15 14.52 -14.64
N GLU A 355 -9.35 15.28 -13.57
CA GLU A 355 -8.31 15.54 -12.58
C GLU A 355 -7.93 14.26 -11.81
N ALA A 356 -8.94 13.48 -11.41
CA ALA A 356 -8.67 12.22 -10.72
C ALA A 356 -7.81 11.32 -11.60
N ASN A 357 -8.12 11.27 -12.89
CA ASN A 357 -7.31 10.51 -13.82
C ASN A 357 -5.92 11.10 -14.00
N GLY A 358 -5.85 12.42 -14.23
CA GLY A 358 -4.58 13.09 -14.50
C GLY A 358 -3.60 13.05 -13.34
N ARG A 359 -4.14 13.09 -12.12
CA ARG A 359 -3.33 13.06 -10.91
C ARG A 359 -2.96 11.66 -10.43
N GLY A 360 -3.46 10.64 -11.13
CA GLY A 360 -3.11 9.24 -10.84
C GLY A 360 -3.96 8.55 -9.79
N TYR A 361 -5.16 9.06 -9.54
CA TYR A 361 -6.07 8.46 -8.58
C TYR A 361 -7.12 7.55 -9.22
N TRP A 362 -7.29 7.67 -10.53
CA TRP A 362 -8.28 6.88 -11.25
C TRP A 362 -7.67 6.40 -12.56
N ASP A 363 -7.60 5.08 -12.72
CA ASP A 363 -7.16 4.46 -13.95
C ASP A 363 -8.39 3.94 -14.70
N THR A 364 -8.50 4.31 -15.98
CA THR A 364 -9.66 3.93 -16.76
C THR A 364 -9.28 3.85 -18.24
N SER A 365 -10.20 3.39 -19.08
CA SER A 365 -9.89 3.22 -20.50
C SER A 365 -9.68 4.55 -21.23
N ALA A 366 -8.93 4.50 -22.32
CA ALA A 366 -8.77 5.67 -23.17
C ALA A 366 -10.12 6.21 -23.64
N GLU A 367 -11.05 5.30 -23.97
CA GLU A 367 -12.38 5.68 -24.44
C GLU A 367 -13.16 6.47 -23.38
N ASN A 368 -13.04 6.04 -22.12
CA ASN A 368 -13.71 6.75 -21.02
C ASN A 368 -13.20 8.17 -20.85
N ILE A 369 -11.89 8.36 -21.02
CA ILE A 369 -11.29 9.69 -20.93
C ILE A 369 -11.71 10.54 -22.13
N GLU A 370 -11.70 9.95 -23.33
CA GLU A 370 -12.17 10.65 -24.52
C GLU A 370 -13.63 11.12 -24.38
N LYS A 371 -14.49 10.27 -23.83
CA LYS A 371 -15.88 10.64 -23.56
C LYS A 371 -15.97 11.86 -22.66
N LEU A 372 -15.22 11.87 -21.56
CA LEU A 372 -15.21 13.02 -20.66
C LEU A 372 -14.78 14.31 -21.37
N LYS A 373 -13.76 14.21 -22.20
CA LYS A 373 -13.25 15.38 -22.94
C LYS A 373 -14.26 15.88 -23.98
N GLU A 374 -14.97 14.96 -24.62
CA GLU A 374 -16.06 15.30 -25.55
C GLU A 374 -17.16 16.06 -24.84
N LEU A 375 -17.55 15.53 -23.67
CA LEU A 375 -18.62 16.13 -22.88
C LEU A 375 -18.22 17.50 -22.33
N TYR A 376 -16.93 17.64 -21.98
CA TYR A 376 -16.42 18.93 -21.54
C TYR A 376 -16.56 19.99 -22.63
N SER A 377 -16.13 19.65 -23.85
CA SER A 377 -16.26 20.53 -25.01
C SER A 377 -17.72 20.87 -25.28
N GLN A 378 -18.60 19.90 -25.12
CA GLN A 378 -20.04 20.06 -25.38
C GLN A 378 -20.72 20.98 -24.36
N VAL A 379 -20.42 20.78 -23.07
CA VAL A 379 -21.03 21.57 -22.00
C VAL A 379 -20.51 23.01 -22.00
N GLU A 380 -19.25 23.19 -22.40
CA GLU A 380 -18.68 24.53 -22.58
C GLU A 380 -19.36 25.28 -23.71
N ASP A 381 -19.74 24.57 -24.78
CA ASP A 381 -20.50 25.16 -25.89
C ASP A 381 -21.93 25.51 -25.47
N LYS A 382 -22.48 24.74 -24.54
CA LYS A 382 -23.81 24.99 -23.98
C LYS A 382 -23.81 26.24 -23.10
N ILE A 383 -22.82 26.33 -22.20
CA ILE A 383 -22.68 27.47 -21.30
C ILE A 383 -22.27 28.73 -22.06
N ALA B 2 3.00 -32.88 -25.61
CA ALA B 2 1.86 -33.34 -24.76
C ALA B 2 1.43 -32.30 -23.73
N ILE B 3 2.21 -31.23 -23.59
CA ILE B 3 2.02 -30.22 -22.54
C ILE B 3 1.35 -28.96 -23.11
N PRO B 4 0.26 -28.46 -22.46
CA PRO B 4 -0.34 -28.94 -21.20
C PRO B 4 -1.32 -30.09 -21.41
N THR B 5 -1.33 -31.03 -20.48
CA THR B 5 -2.26 -32.14 -20.53
C THR B 5 -3.64 -31.71 -20.04
N THR B 6 -4.63 -32.59 -20.25
CA THR B 6 -5.98 -32.33 -19.76
C THR B 6 -6.01 -32.16 -18.24
N ALA B 7 -5.28 -33.00 -17.51
CA ALA B 7 -5.23 -32.88 -16.06
C ALA B 7 -4.59 -31.57 -15.61
N ALA B 8 -3.50 -31.18 -16.28
CA ALA B 8 -2.85 -29.89 -15.97
C ALA B 8 -3.79 -28.71 -16.17
N MET B 9 -4.53 -28.73 -17.28
CA MET B 9 -5.53 -27.69 -17.55
C MET B 9 -6.61 -27.63 -16.47
N ALA B 10 -7.06 -28.80 -16.03
CA ALA B 10 -8.09 -28.84 -15.00
C ALA B 10 -7.59 -28.29 -13.66
N SER B 11 -6.38 -28.68 -13.26
CA SER B 11 -5.76 -28.14 -12.04
C SER B 11 -5.56 -26.63 -12.14
N ALA B 12 -5.16 -26.17 -13.32
CA ALA B 12 -4.92 -24.77 -13.59
C ALA B 12 -6.18 -23.93 -13.34
N LYS B 13 -7.35 -24.41 -13.73
CA LYS B 13 -8.55 -23.61 -13.62
C LYS B 13 -8.84 -23.26 -12.17
N ILE B 14 -8.62 -24.22 -11.28
CA ILE B 14 -8.91 -24.02 -9.88
C ILE B 14 -8.09 -22.84 -9.31
N VAL B 15 -6.82 -22.82 -9.67
CA VAL B 15 -5.91 -21.77 -9.19
C VAL B 15 -6.24 -20.41 -9.81
N VAL B 16 -6.50 -20.40 -11.11
CA VAL B 16 -6.90 -19.15 -11.77
C VAL B 16 -8.11 -18.54 -11.09
N GLU B 17 -9.13 -19.36 -10.82
CA GLU B 17 -10.33 -18.85 -10.19
C GLU B 17 -10.08 -18.32 -8.78
N ARG B 18 -9.26 -19.01 -8.00
CA ARG B 18 -8.91 -18.49 -6.68
C ARG B 18 -8.22 -17.14 -6.76
N LEU B 19 -7.29 -17.00 -7.70
CA LEU B 19 -6.57 -15.75 -7.88
C LEU B 19 -7.50 -14.61 -8.29
N VAL B 20 -8.29 -14.83 -9.33
CA VAL B 20 -9.11 -13.76 -9.85
C VAL B 20 -10.23 -13.38 -8.88
N GLU B 21 -10.78 -14.37 -8.17
CA GLU B 21 -11.81 -14.12 -7.17
C GLU B 21 -11.28 -13.30 -6.00
N ARG B 22 -10.02 -13.53 -5.61
CA ARG B 22 -9.38 -12.73 -4.57
C ARG B 22 -9.28 -11.26 -4.98
N GLN B 23 -8.80 -11.02 -6.20
CA GLN B 23 -8.66 -9.65 -6.69
C GLN B 23 -10.00 -8.97 -6.97
N LYS B 24 -10.94 -9.72 -7.57
CA LYS B 24 -12.29 -9.22 -7.83
C LYS B 24 -12.90 -8.69 -6.54
N LEU B 25 -12.78 -9.48 -5.47
CA LEU B 25 -13.24 -9.08 -4.13
C LEU B 25 -12.65 -7.73 -3.71
N GLU B 26 -11.33 -7.59 -3.83
CA GLU B 26 -10.64 -6.36 -3.48
C GLU B 26 -11.12 -5.16 -4.33
N ASN B 27 -11.59 -5.46 -5.54
CA ASN B 27 -12.04 -4.45 -6.51
C ASN B 27 -13.57 -4.23 -6.52
N GLU B 28 -14.29 -4.68 -5.48
CA GLU B 28 -15.75 -4.57 -5.42
C GLU B 28 -16.46 -5.13 -6.64
N GLY B 29 -15.95 -6.23 -7.17
CA GLY B 29 -16.61 -6.92 -8.27
C GLY B 29 -15.96 -6.76 -9.64
N LYS B 30 -14.98 -5.85 -9.75
CA LYS B 30 -14.25 -5.67 -11.01
C LYS B 30 -13.10 -6.68 -11.09
N TYR B 31 -13.05 -7.41 -12.19
CA TYR B 31 -11.97 -8.35 -12.46
C TYR B 31 -10.68 -7.57 -12.75
N PRO B 32 -9.51 -8.13 -12.40
CA PRO B 32 -8.27 -7.45 -12.81
C PRO B 32 -8.15 -7.52 -14.33
N GLU B 33 -7.66 -6.44 -14.94
CA GLU B 33 -7.61 -6.44 -16.40
C GLU B 33 -6.38 -7.13 -16.97
N THR B 34 -5.26 -7.09 -16.24
CA THR B 34 -4.01 -7.71 -16.69
C THR B 34 -3.26 -8.31 -15.51
N ILE B 35 -2.80 -9.55 -15.70
CA ILE B 35 -1.94 -10.23 -14.74
C ILE B 35 -0.55 -10.38 -15.36
N ALA B 36 0.47 -9.85 -14.68
CA ALA B 36 1.87 -10.08 -15.07
C ALA B 36 2.38 -11.27 -14.27
N LEU B 37 2.91 -12.27 -14.96
CA LEU B 37 3.28 -13.51 -14.29
C LEU B 37 4.60 -14.05 -14.84
N VAL B 38 5.12 -15.06 -14.16
CA VAL B 38 6.34 -15.73 -14.59
C VAL B 38 6.05 -17.22 -14.77
N LEU B 39 6.58 -17.81 -15.84
CA LEU B 39 6.52 -19.26 -16.05
C LEU B 39 7.91 -19.86 -15.94
N TRP B 40 8.02 -20.86 -15.07
CA TRP B 40 9.28 -21.58 -14.84
C TRP B 40 9.29 -22.90 -15.61
N GLY B 41 10.44 -23.26 -16.15
CA GLY B 41 10.56 -24.44 -17.00
C GLY B 41 10.46 -25.76 -16.28
N THR B 42 11.26 -25.93 -15.24
CA THR B 42 11.22 -27.18 -14.48
C THR B 42 9.84 -27.44 -13.88
N ASP B 43 9.18 -26.38 -13.39
CA ASP B 43 7.82 -26.51 -12.88
C ASP B 43 6.92 -27.16 -13.92
N ASN B 44 6.91 -26.59 -15.12
CA ASN B 44 6.03 -27.10 -16.17
C ASN B 44 6.33 -28.52 -16.63
N ILE B 45 7.60 -28.92 -16.59
CA ILE B 45 7.92 -30.33 -16.79
C ILE B 45 7.27 -31.18 -15.71
N LYS B 46 7.45 -30.79 -14.45
CA LYS B 46 6.99 -31.59 -13.31
C LYS B 46 5.47 -31.74 -13.28
N THR B 47 4.75 -30.70 -13.69
CA THR B 47 3.30 -30.69 -13.56
C THR B 47 2.59 -30.96 -14.90
N TYR B 48 3.36 -31.23 -15.95
CA TYR B 48 2.83 -31.38 -17.32
C TYR B 48 2.06 -30.14 -17.77
N GLY B 49 2.54 -28.97 -17.35
CA GLY B 49 2.07 -27.71 -17.87
C GLY B 49 1.01 -26.97 -17.08
N GLU B 50 0.97 -27.13 -15.75
CA GLU B 50 -0.05 -26.45 -14.94
C GLU B 50 0.00 -24.93 -15.04
N SER B 51 1.16 -24.32 -14.79
CA SER B 51 1.22 -22.87 -14.78
C SER B 51 1.06 -22.28 -16.18
N LEU B 52 1.54 -22.97 -17.20
CA LEU B 52 1.24 -22.62 -18.59
C LEU B 52 -0.29 -22.67 -18.82
N GLY B 53 -0.91 -23.76 -18.35
CA GLY B 53 -2.36 -23.93 -18.49
C GLY B 53 -3.13 -22.82 -17.81
N GLN B 54 -2.59 -22.28 -16.72
CA GLN B 54 -3.23 -21.16 -16.04
C GLN B 54 -3.34 -19.95 -16.96
N VAL B 55 -2.33 -19.70 -17.77
CA VAL B 55 -2.39 -18.59 -18.71
C VAL B 55 -3.53 -18.82 -19.72
N LEU B 56 -3.61 -20.04 -20.24
CA LEU B 56 -4.68 -20.37 -21.18
C LEU B 56 -6.05 -20.17 -20.54
N TRP B 57 -6.23 -20.55 -19.28
CA TRP B 57 -7.49 -20.30 -18.60
C TRP B 57 -7.73 -18.81 -18.37
N MET B 58 -6.70 -18.04 -18.06
CA MET B 58 -6.91 -16.60 -17.88
C MET B 58 -7.55 -15.95 -19.11
N ILE B 59 -7.03 -16.28 -20.28
CA ILE B 59 -7.52 -15.69 -21.54
C ILE B 59 -8.75 -16.45 -22.07
N GLY B 60 -9.05 -17.61 -21.49
CA GLY B 60 -10.24 -18.36 -21.85
C GLY B 60 -10.13 -19.19 -23.12
N VAL B 61 -9.03 -19.94 -23.25
CA VAL B 61 -8.88 -20.84 -24.39
C VAL B 61 -8.57 -22.25 -23.90
N ARG B 62 -8.93 -23.24 -24.71
CA ARG B 62 -8.64 -24.63 -24.41
C ARG B 62 -7.66 -25.17 -25.44
N PRO B 63 -6.62 -25.88 -24.98
CA PRO B 63 -5.71 -26.49 -25.94
C PRO B 63 -6.38 -27.70 -26.59
N ILE B 64 -6.06 -27.95 -27.86
CA ILE B 64 -6.65 -29.03 -28.63
C ILE B 64 -5.55 -29.97 -29.10
N ALA B 65 -5.75 -31.27 -28.85
CA ALA B 65 -4.84 -32.30 -29.33
C ALA B 65 -5.33 -32.89 -30.65
N ASP B 66 -4.40 -33.14 -31.57
CA ASP B 66 -4.74 -33.74 -32.85
C ASP B 66 -4.80 -35.27 -32.75
N THR B 67 -4.82 -35.94 -33.90
CA THR B 67 -4.95 -37.40 -33.95
C THR B 67 -3.67 -38.11 -33.51
N PHE B 68 -2.59 -37.36 -33.32
CA PHE B 68 -1.34 -37.93 -32.83
C PHE B 68 -1.12 -37.65 -31.35
N GLY B 69 -2.10 -36.99 -30.75
CA GLY B 69 -2.02 -36.58 -29.34
C GLY B 69 -1.27 -35.27 -29.17
N ARG B 70 -0.93 -34.62 -30.28
CA ARG B 70 -0.14 -33.39 -30.26
C ARG B 70 -1.01 -32.17 -29.96
N VAL B 71 -0.68 -31.49 -28.86
CA VAL B 71 -1.39 -30.29 -28.43
C VAL B 71 -0.80 -29.10 -29.19
N ASN B 72 -1.40 -28.78 -30.35
CA ASN B 72 -0.80 -27.79 -31.28
C ASN B 72 -1.70 -26.65 -31.76
N ARG B 73 -2.85 -26.48 -31.11
CA ARG B 73 -3.67 -25.29 -31.32
C ARG B 73 -4.64 -25.12 -30.17
N VAL B 74 -5.37 -24.01 -30.18
CA VAL B 74 -6.37 -23.75 -29.15
C VAL B 74 -7.68 -23.38 -29.79
N GLU B 75 -8.75 -23.46 -29.00
CA GLU B 75 -10.05 -22.96 -29.39
C GLU B 75 -10.55 -22.10 -28.24
N PRO B 76 -11.18 -20.97 -28.55
CA PRO B 76 -11.68 -20.15 -27.45
C PRO B 76 -12.84 -20.83 -26.70
N VAL B 77 -12.85 -20.68 -25.39
CA VAL B 77 -14.05 -20.96 -24.61
C VAL B 77 -14.96 -19.76 -24.83
N SER B 78 -16.24 -19.99 -25.13
CA SER B 78 -17.14 -18.88 -25.36
C SER B 78 -17.27 -18.03 -24.10
N LEU B 79 -17.57 -16.74 -24.27
CA LEU B 79 -17.75 -15.86 -23.11
C LEU B 79 -18.85 -16.38 -22.19
N GLU B 80 -19.88 -16.97 -22.78
CA GLU B 80 -21.03 -17.50 -22.05
C GLU B 80 -20.61 -18.66 -21.15
N GLU B 81 -19.73 -19.52 -21.66
CA GLU B 81 -19.22 -20.65 -20.89
C GLU B 81 -18.14 -20.25 -19.90
N LEU B 82 -17.43 -19.16 -20.20
CA LEU B 82 -16.40 -18.67 -19.31
C LEU B 82 -17.02 -17.92 -18.12
N GLY B 83 -18.04 -17.13 -18.40
CA GLY B 83 -18.81 -16.42 -17.37
C GLY B 83 -18.12 -15.22 -16.72
N ARG B 84 -17.03 -14.77 -17.31
CA ARG B 84 -16.29 -13.61 -16.80
C ARG B 84 -15.46 -13.10 -17.96
N PRO B 85 -14.80 -11.94 -17.80
CA PRO B 85 -13.96 -11.44 -18.88
C PRO B 85 -12.72 -12.30 -19.12
N ARG B 86 -12.26 -12.29 -20.36
CA ARG B 86 -10.91 -12.76 -20.68
C ARG B 86 -9.93 -11.77 -20.07
N ILE B 87 -8.97 -12.29 -19.31
CA ILE B 87 -7.98 -11.47 -18.60
C ILE B 87 -6.70 -11.40 -19.41
N ASP B 88 -6.21 -10.19 -19.63
CA ASP B 88 -4.92 -10.00 -20.31
C ASP B 88 -3.77 -10.48 -19.43
N VAL B 89 -2.68 -10.88 -20.05
CA VAL B 89 -1.55 -11.51 -19.36
C VAL B 89 -0.26 -11.00 -19.94
N VAL B 90 0.74 -10.75 -19.09
CA VAL B 90 2.11 -10.53 -19.58
C VAL B 90 2.88 -11.76 -19.12
N VAL B 91 3.30 -12.57 -20.08
CA VAL B 91 3.88 -13.87 -19.79
C VAL B 91 5.41 -13.79 -19.85
N ASN B 92 6.03 -13.72 -18.67
CA ASN B 92 7.48 -13.64 -18.56
C ASN B 92 8.01 -15.07 -18.42
N CYS B 93 8.45 -15.64 -19.52
CA CYS B 93 8.94 -17.02 -19.52
C CYS B 93 10.39 -17.00 -19.09
N SER B 94 10.75 -17.90 -18.17
CA SER B 94 12.16 -18.02 -17.82
C SER B 94 12.96 -18.52 -19.02
N GLY B 95 14.28 -18.31 -18.98
CA GLY B 95 15.14 -18.77 -20.05
C GLY B 95 15.09 -20.27 -20.20
N VAL B 96 14.98 -20.98 -19.08
CA VAL B 96 14.83 -22.43 -19.10
C VAL B 96 13.49 -22.82 -19.71
N PHE B 97 12.41 -22.11 -19.37
CA PHE B 97 11.13 -22.35 -20.02
C PHE B 97 11.25 -22.19 -21.54
N ARG B 98 11.91 -21.13 -21.98
CA ARG B 98 12.17 -20.90 -23.39
C ARG B 98 12.95 -22.06 -24.03
N ASP B 99 13.99 -22.55 -23.36
CA ASP B 99 14.77 -23.66 -23.89
C ASP B 99 13.93 -24.93 -24.09
N LEU B 100 13.01 -25.16 -23.16
CA LEU B 100 12.23 -26.40 -23.13
C LEU B 100 10.99 -26.36 -23.99
N PHE B 101 10.40 -25.17 -24.14
CA PHE B 101 9.00 -25.05 -24.55
C PHE B 101 8.75 -24.02 -25.64
N ILE B 102 9.65 -23.94 -26.60
CA ILE B 102 9.45 -22.96 -27.67
C ILE B 102 8.12 -23.17 -28.39
N ASN B 103 7.72 -24.43 -28.60
CA ASN B 103 6.46 -24.71 -29.28
C ASN B 103 5.25 -24.19 -28.50
N GLN B 104 5.33 -24.26 -27.18
CA GLN B 104 4.27 -23.76 -26.31
C GLN B 104 4.26 -22.24 -26.26
N MET B 105 5.43 -21.61 -26.35
CA MET B 105 5.48 -20.15 -26.50
C MET B 105 4.77 -19.72 -27.78
N ASN B 106 5.01 -20.46 -28.87
CA ASN B 106 4.32 -20.25 -30.15
C ASN B 106 2.80 -20.43 -30.00
N LEU B 107 2.40 -21.53 -29.36
CA LEU B 107 0.99 -21.84 -29.10
C LEU B 107 0.31 -20.70 -28.36
N LEU B 108 0.98 -20.21 -27.32
CA LEU B 108 0.45 -19.17 -26.47
C LEU B 108 0.32 -17.83 -27.20
N ASP B 109 1.35 -17.45 -27.95
CA ASP B 109 1.29 -16.23 -28.72
C ASP B 109 0.14 -16.26 -29.73
N ARG B 110 0.00 -17.39 -30.42
CA ARG B 110 -1.09 -17.56 -31.38
C ARG B 110 -2.45 -17.46 -30.68
N ALA B 111 -2.56 -18.08 -29.51
CA ALA B 111 -3.80 -18.04 -28.73
C ALA B 111 -4.20 -16.63 -28.33
N ILE B 112 -3.22 -15.86 -27.86
CA ILE B 112 -3.45 -14.51 -27.37
C ILE B 112 -3.84 -13.57 -28.52
N LYS B 113 -3.15 -13.68 -29.65
CA LYS B 113 -3.49 -12.91 -30.85
C LYS B 113 -4.91 -13.26 -31.35
N MET B 114 -5.25 -14.55 -31.31
CA MET B 114 -6.59 -15.02 -31.67
CA MET B 114 -6.58 -14.95 -31.73
C MET B 114 -7.65 -14.35 -30.79
N VAL B 115 -7.42 -14.38 -29.48
CA VAL B 115 -8.36 -13.76 -28.54
C VAL B 115 -8.50 -12.25 -28.77
N ALA B 116 -7.39 -11.59 -29.08
CA ALA B 116 -7.43 -10.14 -29.31
C ALA B 116 -8.39 -9.75 -30.44
N GLU B 117 -8.52 -10.60 -31.44
CA GLU B 117 -9.30 -10.31 -32.65
C GLU B 117 -10.74 -10.79 -32.58
N LEU B 118 -11.16 -11.43 -31.48
CA LEU B 118 -12.54 -11.88 -31.37
C LEU B 118 -13.51 -10.71 -31.37
N ASP B 119 -14.68 -10.95 -31.94
CA ASP B 119 -15.71 -9.91 -32.07
C ASP B 119 -16.52 -9.89 -30.76
N GLU B 120 -15.92 -9.32 -29.72
CA GLU B 120 -16.45 -9.43 -28.37
C GLU B 120 -16.45 -8.08 -27.67
N PRO B 121 -17.35 -7.89 -26.71
CA PRO B 121 -17.30 -6.67 -25.91
C PRO B 121 -15.93 -6.48 -25.27
N VAL B 122 -15.40 -5.26 -25.31
CA VAL B 122 -14.09 -5.01 -24.73
C VAL B 122 -14.12 -5.15 -23.21
N GLU B 123 -15.28 -4.92 -22.58
CA GLU B 123 -15.35 -5.09 -21.14
C GLU B 123 -15.44 -6.56 -20.73
N GLN B 124 -15.55 -7.46 -21.72
CA GLN B 124 -15.50 -8.90 -21.48
C GLN B 124 -14.27 -9.57 -22.09
N ASN B 125 -13.38 -8.78 -22.69
CA ASN B 125 -12.20 -9.32 -23.33
C ASN B 125 -11.09 -8.29 -23.20
N PHE B 126 -10.35 -8.38 -22.10
CA PHE B 126 -9.39 -7.35 -21.78
C PHE B 126 -8.13 -7.40 -22.67
N VAL B 127 -7.84 -8.57 -23.24
CA VAL B 127 -6.79 -8.66 -24.24
C VAL B 127 -7.13 -7.73 -25.39
N ARG B 128 -8.35 -7.86 -25.94
CA ARG B 128 -8.79 -7.00 -27.03
C ARG B 128 -8.87 -5.53 -26.58
N LYS B 129 -9.42 -5.28 -25.39
CA LYS B 129 -9.54 -3.92 -24.88
C LYS B 129 -8.18 -3.20 -24.95
N HIS B 130 -7.15 -3.85 -24.45
CA HIS B 130 -5.82 -3.26 -24.41
C HIS B 130 -5.16 -3.24 -25.77
N ALA B 131 -5.26 -4.33 -26.52
CA ALA B 131 -4.60 -4.41 -27.82
C ALA B 131 -5.12 -3.36 -28.79
N LEU B 132 -6.42 -3.06 -28.72
CA LEU B 132 -6.99 -1.98 -29.54
C LEU B 132 -6.33 -0.63 -29.21
N GLU B 133 -6.18 -0.34 -27.92
CA GLU B 133 -5.56 0.91 -27.50
C GLU B 133 -4.08 0.96 -27.90
N GLN B 134 -3.39 -0.17 -27.73
CA GLN B 134 -1.98 -0.26 -28.03
C GLN B 134 -1.71 -0.18 -29.53
N ALA B 135 -2.56 -0.82 -30.35
CA ALA B 135 -2.43 -0.72 -31.81
C ALA B 135 -2.52 0.74 -32.24
N GLU B 136 -3.48 1.47 -31.68
CA GLU B 136 -3.65 2.88 -32.01
C GLU B 136 -2.46 3.72 -31.55
N ALA B 137 -2.01 3.51 -30.31
CA ALA B 137 -0.89 4.28 -29.75
C ALA B 137 0.44 4.04 -30.46
N LEU B 138 0.66 2.80 -30.90
CA LEU B 138 1.94 2.39 -31.47
C LEU B 138 1.94 2.37 -33.00
N GLY B 139 0.77 2.58 -33.60
CA GLY B 139 0.64 2.57 -35.06
C GLY B 139 1.00 1.23 -35.66
N ILE B 140 0.50 0.16 -35.03
CA ILE B 140 0.77 -1.20 -35.45
C ILE B 140 -0.55 -1.96 -35.56
N ASP B 141 -0.51 -3.14 -36.17
CA ASP B 141 -1.70 -3.98 -36.28
C ASP B 141 -2.06 -4.54 -34.90
N ILE B 142 -3.35 -4.85 -34.70
CA ILE B 142 -3.81 -5.43 -33.45
C ILE B 142 -3.05 -6.72 -33.06
N ARG B 143 -2.71 -7.58 -34.03
CA ARG B 143 -1.96 -8.80 -33.67
C ARG B 143 -0.58 -8.47 -33.13
N GLU B 144 0.09 -7.49 -33.73
CA GLU B 144 1.38 -7.05 -33.24
C GLU B 144 1.25 -6.43 -31.85
N ALA B 145 0.16 -5.67 -31.62
CA ALA B 145 -0.09 -5.08 -30.33
C ALA B 145 -0.35 -6.13 -29.25
N ALA B 146 -0.96 -7.25 -29.64
CA ALA B 146 -1.28 -8.36 -28.74
C ALA B 146 -0.09 -9.30 -28.56
N THR B 147 1.09 -8.73 -28.39
CA THR B 147 2.31 -9.46 -28.10
C THR B 147 2.48 -9.50 -26.59
N ARG B 148 2.52 -10.73 -26.03
CA ARG B 148 2.50 -10.93 -24.58
C ARG B 148 3.46 -12.00 -24.07
N VAL B 149 4.10 -12.73 -24.98
CA VAL B 149 4.93 -13.86 -24.58
C VAL B 149 6.38 -13.47 -24.74
N PHE B 150 7.03 -13.26 -23.60
CA PHE B 150 8.37 -12.68 -23.56
C PHE B 150 9.36 -13.59 -22.82
N SER B 151 10.64 -13.39 -23.11
CA SER B 151 11.70 -14.07 -22.38
C SER B 151 13.02 -13.33 -22.56
N ASN B 152 14.06 -13.87 -21.95
CA ASN B 152 15.43 -13.53 -22.30
C ASN B 152 15.72 -13.89 -23.75
N ALA B 153 16.70 -13.20 -24.33
CA ALA B 153 17.23 -13.58 -25.63
C ALA B 153 17.86 -14.98 -25.54
N SER B 154 17.86 -15.69 -26.67
CA SER B 154 18.47 -17.00 -26.78
C SER B 154 19.84 -17.03 -26.11
N GLY B 155 20.06 -18.02 -25.25
CA GLY B 155 21.36 -18.20 -24.60
C GLY B 155 21.57 -17.38 -23.34
N SER B 156 20.57 -16.58 -22.96
CA SER B 156 20.64 -15.73 -21.77
C SER B 156 19.58 -16.14 -20.74
N TYR B 157 19.86 -15.83 -19.48
CA TYR B 157 19.06 -16.24 -18.32
C TYR B 157 19.07 -15.15 -17.26
N SER B 158 17.91 -14.91 -16.67
CA SER B 158 17.73 -13.99 -15.53
C SER B 158 17.74 -12.53 -15.96
N ALA B 159 17.30 -11.67 -15.07
CA ALA B 159 17.32 -10.22 -15.27
C ALA B 159 18.64 -9.62 -14.81
N ASN B 160 19.58 -10.47 -14.35
CA ASN B 160 20.82 -10.01 -13.71
C ASN B 160 20.58 -9.17 -12.47
N ILE B 161 19.36 -9.23 -11.94
CA ILE B 161 19.02 -8.54 -10.73
C ILE B 161 19.56 -9.29 -9.50
N SER B 162 19.39 -10.60 -9.47
CA SER B 162 20.00 -11.39 -8.39
C SER B 162 21.53 -11.21 -8.35
N LEU B 163 22.16 -11.13 -9.53
CA LEU B 163 23.59 -10.83 -9.62
C LEU B 163 23.92 -9.46 -9.01
N ALA B 164 23.15 -8.44 -9.37
CA ALA B 164 23.32 -7.10 -8.83
C ALA B 164 23.14 -7.06 -7.31
N VAL B 165 22.12 -7.77 -6.81
CA VAL B 165 21.84 -7.82 -5.38
C VAL B 165 22.95 -8.53 -4.59
N GLU B 166 23.44 -9.63 -5.16
CA GLU B 166 24.57 -10.37 -4.57
C GLU B 166 25.80 -9.49 -4.43
N ASN B 167 26.09 -8.70 -5.45
CA ASN B 167 27.28 -7.86 -5.48
C ASN B 167 27.06 -6.45 -4.92
N SER B 168 25.81 -6.14 -4.61
CA SER B 168 25.40 -4.79 -4.22
C SER B 168 25.82 -3.74 -5.25
N SER B 169 25.89 -4.17 -6.50
CA SER B 169 26.39 -3.35 -7.62
C SER B 169 25.22 -2.69 -8.37
N TRP B 170 24.44 -1.90 -7.64
CA TRP B 170 23.30 -1.21 -8.23
C TRP B 170 22.97 0.09 -7.49
N ASN B 171 22.70 1.12 -8.29
CA ASN B 171 22.41 2.46 -7.80
C ASN B 171 21.03 2.51 -7.15
N ASP B 172 20.00 2.19 -7.93
CA ASP B 172 18.63 2.26 -7.43
C ASP B 172 17.72 1.29 -8.15
N GLU B 173 16.47 1.27 -7.76
CA GLU B 173 15.52 0.34 -8.34
C GLU B 173 15.32 0.57 -9.84
N LYS B 174 15.39 1.83 -10.28
CA LYS B 174 15.32 2.14 -11.70
C LYS B 174 16.36 1.38 -12.53
N GLN B 175 17.59 1.27 -12.01
CA GLN B 175 18.63 0.50 -12.69
C GLN B 175 18.26 -0.98 -12.84
N LEU B 176 17.73 -1.56 -11.77
CA LEU B 176 17.28 -2.95 -11.80
C LEU B 176 16.18 -3.15 -12.84
N GLN B 177 15.25 -2.21 -12.85
CA GLN B 177 14.11 -2.25 -13.75
C GLN B 177 14.54 -2.08 -15.21
N ASP B 178 15.49 -1.18 -15.46
CA ASP B 178 16.02 -0.99 -16.81
C ASP B 178 16.70 -2.26 -17.31
N MET B 179 17.37 -2.97 -16.40
CA MET B 179 18.00 -4.22 -16.77
CA MET B 179 18.01 -4.24 -16.72
C MET B 179 16.96 -5.29 -17.11
N TYR B 180 15.89 -5.38 -16.30
CA TYR B 180 14.79 -6.29 -16.59
C TYR B 180 14.24 -5.97 -18.00
N LEU B 181 14.00 -4.69 -18.29
CA LEU B 181 13.45 -4.29 -19.58
C LEU B 181 14.41 -4.58 -20.73
N SER B 182 15.71 -4.43 -20.49
CA SER B 182 16.69 -4.68 -21.53
C SER B 182 16.86 -6.17 -21.82
N ARG B 183 16.78 -6.98 -20.77
CA ARG B 183 17.09 -8.40 -20.89
C ARG B 183 15.88 -9.28 -21.24
N LYS B 184 14.69 -8.88 -20.80
CA LYS B 184 13.51 -9.77 -20.83
C LYS B 184 12.39 -9.29 -21.77
N SER B 185 12.72 -8.38 -22.67
CA SER B 185 11.75 -7.84 -23.60
C SER B 185 11.80 -8.49 -24.99
N PHE B 186 12.33 -9.70 -25.07
CA PHE B 186 12.38 -10.44 -26.33
C PHE B 186 11.09 -11.24 -26.46
N ALA B 187 10.41 -11.05 -27.58
CA ALA B 187 9.06 -11.58 -27.76
C ALA B 187 9.07 -12.73 -28.74
N PHE B 188 8.25 -13.74 -28.48
CA PHE B 188 8.00 -14.75 -29.49
C PHE B 188 6.90 -14.26 -30.42
N ASP B 189 7.13 -14.38 -31.73
CA ASP B 189 6.13 -14.01 -32.74
C ASP B 189 5.75 -15.23 -33.59
N SER B 190 4.58 -15.79 -33.30
CA SER B 190 4.07 -16.94 -34.06
C SER B 190 3.73 -16.59 -35.51
N ASP B 191 3.58 -15.31 -35.80
CA ASP B 191 3.37 -14.84 -37.18
C ASP B 191 4.69 -14.74 -37.95
N ALA B 192 5.82 -14.89 -37.25
CA ALA B 192 7.14 -14.86 -37.86
C ALA B 192 8.02 -15.99 -37.31
N GLY B 194 10.12 -18.87 -35.99
CA GLY B 194 10.29 -18.79 -37.43
C GLY B 194 11.43 -17.88 -37.84
N ALA B 195 11.42 -16.67 -37.30
CA ALA B 195 12.47 -15.69 -37.54
C ALA B 195 13.30 -15.50 -36.27
N GLY B 196 13.11 -16.43 -35.32
CA GLY B 196 13.75 -16.35 -34.01
C GLY B 196 13.07 -15.33 -33.12
N MET B 197 13.79 -14.84 -32.13
CA MET B 197 13.28 -13.83 -31.21
C MET B 197 13.56 -12.43 -31.68
N ALA B 198 12.73 -11.52 -31.25
CA ALA B 198 12.91 -10.10 -31.53
C ALA B 198 12.60 -9.25 -30.33
N GLU B 199 13.43 -8.24 -30.12
CA GLU B 199 13.20 -7.22 -29.11
C GLU B 199 11.87 -6.53 -29.41
N LYS B 200 11.03 -6.45 -28.37
CA LYS B 200 9.76 -5.75 -28.46
C LYS B 200 9.55 -4.92 -27.20
N LYS B 201 10.50 -4.03 -26.92
CA LYS B 201 10.52 -3.32 -25.65
C LYS B 201 9.33 -2.37 -25.48
N GLN B 202 8.94 -1.71 -26.56
CA GLN B 202 7.83 -0.77 -26.51
C GLN B 202 6.52 -1.45 -26.14
N VAL B 203 6.21 -2.57 -26.81
CA VAL B 203 5.01 -3.31 -26.48
C VAL B 203 5.10 -3.90 -25.06
N PHE B 204 6.28 -4.40 -24.68
CA PHE B 204 6.52 -4.96 -23.34
C PHE B 204 6.19 -3.92 -22.27
N GLU B 205 6.71 -2.70 -22.43
CA GLU B 205 6.46 -1.65 -21.46
C GLU B 205 4.99 -1.31 -21.37
N MET B 206 4.35 -1.20 -22.52
CA MET B 206 2.92 -0.89 -22.53
C MET B 206 2.07 -1.98 -21.89
N ALA B 207 2.35 -3.21 -22.25
CA ALA B 207 1.60 -4.33 -21.65
C ALA B 207 1.83 -4.40 -20.13
N LEU B 208 3.08 -4.29 -19.68
CA LEU B 208 3.36 -4.25 -18.25
C LEU B 208 2.65 -3.10 -17.54
N SER B 209 2.56 -1.94 -18.21
CA SER B 209 1.92 -0.77 -17.59
C SER B 209 0.44 -1.01 -17.30
N THR B 210 -0.16 -1.99 -17.98
CA THR B 210 -1.58 -2.29 -17.72
C THR B 210 -1.76 -3.29 -16.56
N ALA B 211 -0.67 -3.89 -16.09
CA ALA B 211 -0.77 -4.94 -15.08
C ALA B 211 -1.26 -4.42 -13.72
N GLU B 212 -2.25 -5.12 -13.17
CA GLU B 212 -2.84 -4.80 -11.89
C GLU B 212 -2.51 -5.83 -10.83
N VAL B 213 -1.96 -6.98 -11.28
CA VAL B 213 -1.65 -8.12 -10.44
C VAL B 213 -0.33 -8.69 -10.92
N THR B 214 0.49 -9.14 -9.98
CA THR B 214 1.65 -9.99 -10.32
C THR B 214 1.51 -11.34 -9.65
N PHE B 215 2.10 -12.36 -10.27
CA PHE B 215 1.79 -13.74 -9.88
C PHE B 215 2.90 -14.69 -10.24
N GLN B 216 3.22 -15.60 -9.32
CA GLN B 216 4.10 -16.75 -9.59
C GLN B 216 3.55 -17.96 -8.82
N ASN B 217 3.88 -19.16 -9.31
CA ASN B 217 3.61 -20.43 -8.63
C ASN B 217 4.90 -20.92 -7.98
N LEU B 218 4.81 -21.33 -6.72
CA LEU B 218 5.93 -21.90 -5.97
C LEU B 218 5.41 -23.09 -5.18
N ASP B 219 6.26 -24.09 -4.97
CA ASP B 219 5.96 -25.13 -4.01
C ASP B 219 6.81 -24.83 -2.78
N SER B 220 6.25 -24.08 -1.85
CA SER B 220 6.98 -23.57 -0.70
C SER B 220 7.52 -24.66 0.22
N SER B 221 6.92 -25.86 0.17
CA SER B 221 7.39 -26.99 0.97
C SER B 221 8.68 -27.59 0.40
N GLU B 222 8.98 -27.28 -0.86
CA GLU B 222 10.17 -27.78 -1.53
C GLU B 222 11.24 -26.70 -1.77
N ILE B 223 10.84 -25.59 -2.35
CA ILE B 223 11.74 -24.47 -2.58
C ILE B 223 11.00 -23.19 -2.22
N SER B 224 11.36 -22.56 -1.11
CA SER B 224 10.68 -21.33 -0.69
C SER B 224 11.17 -20.15 -1.50
N LEU B 225 10.48 -19.02 -1.36
CA LEU B 225 10.81 -17.84 -2.15
C LEU B 225 12.18 -17.25 -1.79
N THR B 226 12.77 -17.66 -0.68
CA THR B 226 14.11 -17.18 -0.30
C THR B 226 15.16 -18.30 -0.28
N ASP B 227 14.77 -19.53 -0.63
CA ASP B 227 15.72 -20.65 -0.74
C ASP B 227 16.67 -20.44 -1.91
N VAL B 228 16.22 -19.64 -2.87
CA VAL B 228 16.93 -19.36 -4.12
C VAL B 228 16.75 -17.88 -4.44
N SER B 229 17.50 -17.38 -5.41
CA SER B 229 17.40 -15.97 -5.79
C SER B 229 16.59 -15.73 -7.06
N HIS B 230 16.22 -16.79 -7.78
CA HIS B 230 15.63 -16.56 -9.09
C HIS B 230 14.20 -16.04 -9.07
N TYR B 231 13.46 -16.32 -8.01
CA TYR B 231 12.08 -15.84 -7.91
C TYR B 231 12.02 -14.31 -7.78
N PHE B 232 12.83 -13.70 -6.93
CA PHE B 232 12.83 -12.24 -6.88
C PHE B 232 13.42 -11.64 -8.13
N ASP B 233 14.42 -12.30 -8.70
CA ASP B 233 15.06 -11.78 -9.90
C ASP B 233 14.04 -11.51 -11.01
N SER B 234 13.06 -12.40 -11.16
CA SER B 234 12.03 -12.26 -12.20
C SER B 234 10.75 -11.58 -11.75
N ASP B 235 10.67 -11.16 -10.49
CA ASP B 235 9.45 -10.54 -9.94
C ASP B 235 9.21 -9.19 -10.62
N PRO B 236 8.08 -9.01 -11.32
CA PRO B 236 7.82 -7.75 -12.03
C PRO B 236 7.01 -6.72 -11.24
N THR B 237 6.86 -6.89 -9.93
CA THR B 237 5.99 -6.02 -9.12
C THR B 237 6.34 -4.52 -9.19
N ASN B 238 7.54 -4.15 -8.74
CA ASN B 238 7.94 -2.74 -8.80
C ASN B 238 8.15 -2.26 -10.23
N LEU B 239 8.56 -3.17 -11.11
CA LEU B 239 8.72 -2.83 -12.52
C LEU B 239 7.41 -2.32 -13.11
N VAL B 240 6.33 -3.07 -12.88
CA VAL B 240 5.00 -2.67 -13.35
C VAL B 240 4.67 -1.29 -12.77
N GLN B 241 4.87 -1.14 -11.47
CA GLN B 241 4.52 0.11 -10.79
C GLN B 241 5.21 1.31 -11.43
N SER B 242 6.49 1.16 -11.70
CA SER B 242 7.32 2.22 -12.28
C SER B 242 6.85 2.64 -13.65
N LEU B 243 6.25 1.70 -14.39
CA LEU B 243 5.78 1.94 -15.76
C LEU B 243 4.38 2.55 -15.83
N ARG B 244 3.64 2.50 -14.72
CA ARG B 244 2.28 3.03 -14.67
C ARG B 244 2.30 4.53 -14.43
N LYS B 245 1.44 5.25 -15.14
CA LYS B 245 1.29 6.69 -14.95
C LYS B 245 0.94 6.99 -13.49
N ASP B 246 0.06 6.16 -12.93
CA ASP B 246 -0.42 6.37 -11.56
C ASP B 246 0.54 5.88 -10.49
N LYS B 247 1.61 5.18 -10.90
CA LYS B 247 2.61 4.63 -9.97
C LYS B 247 1.97 3.76 -8.89
N LYS B 248 0.89 3.07 -9.25
CA LYS B 248 0.19 2.17 -8.36
C LYS B 248 0.86 0.81 -8.39
N LYS B 249 1.28 0.33 -7.23
CA LYS B 249 1.87 -1.00 -7.14
C LYS B 249 0.79 -2.04 -7.41
N PRO B 250 1.05 -2.98 -8.35
CA PRO B 250 0.06 -4.04 -8.57
C PRO B 250 -0.03 -4.93 -7.34
N SER B 251 -1.19 -5.53 -7.14
CA SER B 251 -1.37 -6.53 -6.09
C SER B 251 -0.56 -7.78 -6.42
N SER B 252 0.27 -8.20 -5.49
CA SER B 252 1.18 -9.31 -5.72
C SER B 252 0.76 -10.56 -4.97
N TYR B 253 0.73 -11.68 -5.69
CA TYR B 253 0.31 -12.97 -5.12
C TYR B 253 1.26 -14.08 -5.50
N ILE B 254 1.25 -15.12 -4.66
CA ILE B 254 1.95 -16.36 -4.93
C ILE B 254 0.98 -17.52 -4.72
N ALA B 255 0.90 -18.41 -5.71
CA ALA B 255 0.16 -19.65 -5.54
C ALA B 255 1.12 -20.70 -4.97
N ASP B 256 0.82 -21.17 -3.77
CA ASP B 256 1.63 -22.17 -3.10
C ASP B 256 1.05 -23.54 -3.40
N THR B 257 1.79 -24.33 -4.16
CA THR B 257 1.34 -25.63 -4.63
C THR B 257 1.70 -26.79 -3.68
N THR B 258 2.00 -26.46 -2.42
CA THR B 258 2.18 -27.46 -1.36
C THR B 258 0.94 -28.36 -1.26
N THR B 259 -0.24 -27.73 -1.27
CA THR B 259 -1.53 -28.43 -1.16
C THR B 259 -2.05 -28.92 -2.52
N ALA B 260 -2.96 -29.90 -2.48
CA ALA B 260 -3.57 -30.51 -3.68
C ALA B 260 -4.07 -29.48 -4.69
N ASN B 261 -4.85 -28.51 -4.20
CA ASN B 261 -5.12 -27.30 -4.96
C ASN B 261 -4.35 -26.16 -4.30
N ALA B 262 -3.60 -25.42 -5.09
CA ALA B 262 -2.75 -24.36 -4.56
C ALA B 262 -3.55 -23.32 -3.79
N GLN B 263 -3.01 -22.89 -2.65
CA GLN B 263 -3.53 -21.73 -1.93
C GLN B 263 -2.87 -20.47 -2.48
N VAL B 264 -3.71 -19.50 -2.80
CA VAL B 264 -3.25 -18.21 -3.29
C VAL B 264 -3.12 -17.28 -2.10
N ARG B 265 -1.91 -16.79 -1.89
CA ARG B 265 -1.65 -15.86 -0.80
C ARG B 265 -1.04 -14.61 -1.38
N THR B 266 -1.12 -13.50 -0.65
CA THR B 266 -0.36 -12.32 -1.08
C THR B 266 1.13 -12.63 -1.00
N LEU B 267 1.93 -11.95 -1.82
CA LEU B 267 3.37 -12.05 -1.72
C LEU B 267 3.84 -11.66 -0.33
N SER B 268 3.25 -10.60 0.23
CA SER B 268 3.66 -10.16 1.57
C SER B 268 3.39 -11.24 2.63
N GLU B 269 2.25 -11.93 2.55
CA GLU B 269 1.97 -13.07 3.43
C GLU B 269 2.97 -14.23 3.23
N THR B 270 3.31 -14.49 1.98
CA THR B 270 4.28 -15.52 1.61
C THR B 270 5.67 -15.21 2.22
N VAL B 271 6.08 -13.94 2.14
CA VAL B 271 7.31 -13.45 2.79
C VAL B 271 7.25 -13.66 4.30
N ARG B 272 6.13 -13.31 4.91
CA ARG B 272 5.97 -13.42 6.35
C ARG B 272 6.04 -14.88 6.83
N LEU B 273 5.37 -15.77 6.10
CA LEU B 273 5.36 -17.19 6.43
C LEU B 273 6.75 -17.81 6.29
N ASP B 274 7.46 -17.43 5.25
CA ASP B 274 8.80 -17.93 4.99
C ASP B 274 9.79 -17.45 6.04
N ALA B 275 9.69 -16.18 6.43
CA ALA B 275 10.57 -15.64 7.48
C ALA B 275 10.38 -16.38 8.80
N ARG B 276 9.14 -16.73 9.13
CA ARG B 276 8.84 -17.48 10.34
C ARG B 276 9.30 -18.94 10.25
N THR B 277 9.44 -19.44 9.02
CA THR B 277 9.85 -20.82 8.77
C THR B 277 11.38 -20.94 8.64
N LYS B 278 12.02 -19.89 8.14
CA LYS B 278 13.45 -19.94 7.83
C LYS B 278 14.24 -18.94 8.66
N LEU B 279 14.49 -17.76 8.11
CA LEU B 279 15.40 -16.77 8.70
C LEU B 279 15.23 -16.57 10.21
N LEU B 280 13.96 -16.53 10.66
CA LEU B 280 13.64 -16.22 12.05
C LEU B 280 13.24 -17.43 12.89
N ASN B 281 13.32 -18.62 12.28
CA ASN B 281 12.99 -19.87 12.97
C ASN B 281 14.23 -20.42 13.70
N PRO B 282 14.17 -20.52 15.05
CA PRO B 282 15.29 -21.08 15.83
C PRO B 282 15.76 -22.44 15.33
N LYS B 283 14.80 -23.29 14.97
CA LYS B 283 15.09 -24.63 14.45
C LYS B 283 15.92 -24.55 13.17
N TRP B 284 15.77 -23.46 12.42
CA TRP B 284 16.52 -23.27 11.17
C TRP B 284 17.90 -22.65 11.37
N TYR B 285 17.98 -21.49 12.01
CA TYR B 285 19.24 -20.75 12.09
C TYR B 285 20.27 -21.36 13.04
N GLU B 286 19.80 -22.04 14.08
CA GLU B 286 20.72 -22.75 14.99
C GLU B 286 21.27 -24.00 14.31
N GLY B 287 20.44 -24.64 13.48
CA GLY B 287 20.88 -25.76 12.67
C GLY B 287 21.90 -25.32 11.64
N MET B 288 21.75 -24.09 11.17
CA MET B 288 22.74 -23.46 10.30
C MET B 288 24.03 -23.18 11.05
N MET B 289 23.91 -22.69 12.28
CA MET B 289 25.05 -22.43 13.14
C MET B 289 25.85 -23.70 13.44
N SER B 290 25.16 -24.82 13.56
CA SER B 290 25.78 -26.12 13.83
C SER B 290 26.53 -26.68 12.63
N SER B 291 26.27 -26.10 11.45
CA SER B 291 26.86 -26.55 10.20
C SER B 291 28.16 -25.83 9.82
N GLY B 292 28.71 -25.05 10.75
CA GLY B 292 30.00 -24.40 10.55
C GLY B 292 29.98 -23.23 9.57
N TYR B 293 31.08 -23.08 8.83
CA TYR B 293 31.28 -21.99 7.88
C TYR B 293 30.11 -21.85 6.90
N GLU B 294 29.75 -22.96 6.27
CA GLU B 294 28.67 -22.96 5.27
C GLU B 294 27.32 -22.57 5.84
N GLY B 295 27.08 -22.90 7.10
CA GLY B 295 25.84 -22.52 7.78
C GLY B 295 25.64 -21.02 7.90
N VAL B 296 26.71 -20.31 8.27
CA VAL B 296 26.66 -18.84 8.34
C VAL B 296 26.43 -18.24 6.95
N ARG B 297 27.04 -18.82 5.93
CA ARG B 297 26.84 -18.39 4.55
C ARG B 297 25.36 -18.54 4.17
N GLU B 298 24.70 -19.58 4.66
CA GLU B 298 23.27 -19.76 4.39
C GLU B 298 22.41 -18.66 5.02
N ILE B 299 22.77 -18.22 6.24
CA ILE B 299 22.06 -17.12 6.89
C ILE B 299 22.26 -15.83 6.11
N GLU B 300 23.51 -15.55 5.73
CA GLU B 300 23.86 -14.39 4.90
C GLU B 300 23.05 -14.35 3.60
N LYS B 301 23.03 -15.48 2.90
CA LYS B 301 22.29 -15.60 1.64
C LYS B 301 20.80 -15.37 1.83
N ARG B 302 20.25 -15.89 2.93
CA ARG B 302 18.83 -15.76 3.24
C ARG B 302 18.44 -14.31 3.45
N LEU B 303 19.28 -13.58 4.19
CA LEU B 303 19.09 -12.14 4.41
C LEU B 303 19.22 -11.37 3.09
N SER B 304 20.22 -11.70 2.29
CA SER B 304 20.40 -11.06 0.99
C SER B 304 19.19 -11.26 0.06
N ASN B 305 18.69 -12.49 0.00
CA ASN B 305 17.50 -12.79 -0.80
C ASN B 305 16.27 -12.04 -0.31
N THR B 306 16.21 -11.76 0.99
CA THR B 306 15.14 -10.96 1.57
C THR B 306 15.22 -9.52 1.05
N VAL B 307 16.43 -8.96 1.04
CA VAL B 307 16.66 -7.63 0.44
C VAL B 307 16.28 -7.61 -1.04
N GLY B 308 16.60 -8.70 -1.75
CA GLY B 308 16.14 -8.88 -3.12
C GLY B 308 14.64 -8.63 -3.30
N TRP B 309 13.84 -9.31 -2.48
CA TRP B 309 12.38 -9.12 -2.52
C TRP B 309 11.98 -7.70 -2.16
N SER B 310 12.67 -7.05 -1.22
CA SER B 310 12.39 -5.65 -0.96
C SER B 310 12.60 -4.81 -2.21
N ALA B 311 13.72 -5.04 -2.89
CA ALA B 311 14.09 -4.26 -4.06
C ALA B 311 13.14 -4.44 -5.24
N THR B 312 12.60 -5.65 -5.39
CA THR B 312 11.76 -5.95 -6.55
C THR B 312 10.25 -5.76 -6.30
N SER B 313 9.83 -5.78 -5.04
CA SER B 313 8.40 -5.79 -4.69
C SER B 313 7.98 -4.84 -3.58
N GLY B 314 8.91 -4.46 -2.69
CA GLY B 314 8.54 -3.71 -1.51
C GLY B 314 7.66 -4.47 -0.51
N GLN B 315 7.60 -5.79 -0.64
CA GLN B 315 6.64 -6.58 0.15
C GLN B 315 7.23 -7.26 1.38
N VAL B 316 8.41 -6.83 1.81
CA VAL B 316 9.00 -7.35 3.04
C VAL B 316 8.69 -6.38 4.17
N ASP B 317 7.91 -6.85 5.14
CA ASP B 317 7.51 -6.02 6.28
C ASP B 317 8.74 -5.68 7.11
N ASN B 318 8.69 -4.50 7.71
CA ASN B 318 9.77 -4.01 8.54
C ASN B 318 10.21 -4.99 9.64
N TRP B 319 9.24 -5.65 10.25
CA TRP B 319 9.49 -6.56 11.37
C TRP B 319 10.38 -7.74 11.03
N VAL B 320 10.41 -8.14 9.75
CA VAL B 320 11.30 -9.21 9.32
C VAL B 320 12.75 -8.84 9.60
N TYR B 321 13.15 -7.64 9.17
CA TYR B 321 14.50 -7.14 9.42
C TYR B 321 14.71 -6.84 10.90
N GLU B 322 13.67 -6.35 11.57
CA GLU B 322 13.73 -6.07 13.01
C GLU B 322 13.94 -7.34 13.84
N GLU B 323 13.14 -8.38 13.57
CA GLU B 323 13.27 -9.65 14.27
C GLU B 323 14.60 -10.33 13.94
N ALA B 324 15.08 -10.17 12.71
CA ALA B 324 16.38 -10.72 12.28
C ALA B 324 17.49 -10.09 13.08
N ASN B 325 17.39 -8.79 13.28
CA ASN B 325 18.30 -8.06 14.14
C ASN B 325 18.23 -8.54 15.59
N SER B 326 17.03 -8.70 16.14
CA SER B 326 16.87 -9.22 17.50
C SER B 326 17.50 -10.61 17.64
N THR B 327 17.33 -11.42 16.61
CA THR B 327 17.77 -12.81 16.63
C THR B 327 19.28 -13.00 16.46
N PHE B 328 19.87 -12.30 15.50
CA PHE B 328 21.25 -12.56 15.06
C PHE B 328 22.23 -11.57 15.59
N ILE B 329 21.76 -10.36 15.81
CA ILE B 329 22.60 -9.31 16.36
C ILE B 329 22.18 -9.09 17.82
N GLN B 330 23.14 -9.15 18.72
CA GLN B 330 22.83 -8.90 20.10
C GLN B 330 21.82 -9.77 20.88
N ASP B 331 21.55 -10.98 20.40
CA ASP B 331 21.37 -12.09 21.31
C ASP B 331 22.85 -12.35 21.38
N GLU B 332 23.44 -11.92 22.49
CA GLU B 332 24.84 -11.47 22.61
C GLU B 332 25.93 -12.32 21.98
N GLU B 333 25.79 -13.61 22.14
CA GLU B 333 26.78 -14.49 21.65
C GLU B 333 26.72 -14.56 20.15
N MET B 334 25.53 -14.34 19.60
CA MET B 334 25.27 -14.50 18.18
C MET B 334 26.27 -13.73 17.32
N LEU B 335 26.45 -12.45 17.61
CA LEU B 335 27.39 -11.58 16.90
C LEU B 335 28.77 -12.23 16.80
N ASN B 336 29.34 -12.55 17.95
CA ASN B 336 30.67 -13.15 18.02
C ASN B 336 30.75 -14.53 17.37
N ARG B 337 29.70 -15.33 17.49
CA ARG B 337 29.66 -16.66 16.86
C ARG B 337 29.73 -16.57 15.34
N LEU B 338 28.96 -15.64 14.77
CA LEU B 338 28.98 -15.41 13.33
C LEU B 338 30.36 -14.93 12.89
N MET B 339 30.93 -14.01 13.67
CA MET B 339 32.25 -13.46 13.42
C MET B 339 33.33 -14.53 13.51
N ASN B 340 33.18 -15.42 14.48
CA ASN B 340 34.17 -16.48 14.75
C ASN B 340 34.04 -17.67 13.81
N THR B 341 32.82 -17.99 13.40
CA THR B 341 32.55 -19.12 12.52
C THR B 341 32.83 -18.77 11.05
N ASN B 342 32.46 -17.55 10.67
CA ASN B 342 32.63 -17.08 9.30
C ASN B 342 32.68 -15.54 9.24
N PRO B 343 33.86 -14.95 9.50
CA PRO B 343 33.98 -13.48 9.48
C PRO B 343 33.67 -12.83 8.13
N ASN B 344 33.97 -13.52 7.04
CA ASN B 344 33.69 -13.02 5.69
C ASN B 344 32.18 -12.87 5.47
N SER B 345 31.44 -13.91 5.81
CA SER B 345 29.98 -13.90 5.69
C SER B 345 29.33 -12.97 6.71
N PHE B 346 29.90 -12.90 7.92
CA PHE B 346 29.37 -12.01 8.95
C PHE B 346 29.50 -10.55 8.50
N ARG B 347 30.65 -10.19 7.94
CA ARG B 347 30.85 -8.86 7.38
C ARG B 347 29.82 -8.56 6.30
N LYS B 348 29.52 -9.54 5.45
CA LYS B 348 28.51 -9.38 4.41
C LYS B 348 27.11 -9.17 5.00
N MET B 349 26.82 -9.85 6.11
CA MET B 349 25.54 -9.66 6.81
C MET B 349 25.43 -8.23 7.33
N LEU B 350 26.53 -7.70 7.85
CA LEU B 350 26.56 -6.33 8.34
C LEU B 350 26.32 -5.33 7.21
N GLN B 351 26.97 -5.57 6.06
CA GLN B 351 26.78 -4.72 4.89
C GLN B 351 25.34 -4.77 4.43
N THR B 352 24.74 -5.96 4.51
CA THR B 352 23.34 -6.18 4.11
C THR B 352 22.35 -5.45 5.01
N PHE B 353 22.52 -5.56 6.34
CA PHE B 353 21.66 -4.83 7.28
C PHE B 353 21.77 -3.32 7.06
N LEU B 354 23.00 -2.83 6.93
CA LEU B 354 23.24 -1.41 6.69
C LEU B 354 22.70 -0.96 5.34
N GLU B 355 22.79 -1.86 4.36
CA GLU B 355 22.25 -1.61 3.02
C GLU B 355 20.72 -1.55 3.05
N ALA B 356 20.10 -2.48 3.76
CA ALA B 356 18.63 -2.49 3.88
C ALA B 356 18.11 -1.20 4.49
N ASN B 357 18.80 -0.70 5.51
CA ASN B 357 18.46 0.58 6.11
C ASN B 357 18.76 1.74 5.17
N GLY B 358 19.95 1.74 4.58
CA GLY B 358 20.39 2.80 3.67
C GLY B 358 19.51 2.99 2.44
N ARG B 359 19.00 1.89 1.91
CA ARG B 359 18.15 1.91 0.71
C ARG B 359 16.67 2.12 1.04
N GLY B 360 16.36 2.27 2.32
CA GLY B 360 14.97 2.54 2.76
C GLY B 360 14.07 1.32 2.81
N TYR B 361 14.65 0.16 3.07
CA TYR B 361 13.87 -1.07 3.23
C TYR B 361 13.69 -1.47 4.69
N TRP B 362 14.50 -0.89 5.56
CA TRP B 362 14.41 -1.19 6.98
C TRP B 362 14.46 0.11 7.78
N ASP B 363 13.37 0.37 8.48
CA ASP B 363 13.26 1.47 9.41
C ASP B 363 13.46 0.93 10.82
N THR B 364 14.44 1.48 11.54
CA THR B 364 14.77 0.99 12.87
C THR B 364 15.31 2.10 13.76
N SER B 365 15.52 1.79 15.04
CA SER B 365 16.07 2.75 16.00
C SER B 365 17.50 3.14 15.63
N ALA B 366 17.87 4.37 15.98
CA ALA B 366 19.23 4.86 15.76
C ALA B 366 20.27 4.03 16.53
N GLU B 367 19.87 3.52 17.69
CA GLU B 367 20.72 2.65 18.51
C GLU B 367 21.02 1.32 17.81
N ASN B 368 20.03 0.75 17.14
CA ASN B 368 20.21 -0.49 16.38
C ASN B 368 21.25 -0.33 15.28
N ILE B 369 21.20 0.81 14.60
CA ILE B 369 22.14 1.16 13.52
C ILE B 369 23.55 1.32 14.08
N GLU B 370 23.66 2.09 15.16
CA GLU B 370 24.94 2.31 15.84
C GLU B 370 25.59 0.99 16.24
N LYS B 371 24.78 0.10 16.81
CA LYS B 371 25.25 -1.22 17.24
C LYS B 371 25.82 -2.02 16.06
N LEU B 372 25.11 -2.01 14.95
CA LEU B 372 25.59 -2.67 13.73
C LEU B 372 26.92 -2.08 13.27
N LYS B 373 27.02 -0.76 13.34
CA LYS B 373 28.27 -0.06 13.01
C LYS B 373 29.43 -0.50 13.89
N GLU B 374 29.20 -0.52 15.20
CA GLU B 374 30.22 -0.91 16.16
C GLU B 374 30.68 -2.33 15.88
N LEU B 375 29.71 -3.20 15.62
CA LEU B 375 29.97 -4.60 15.31
C LEU B 375 30.86 -4.74 14.07
N TYR B 376 30.55 -3.97 13.04
CA TYR B 376 31.32 -3.95 11.80
C TYR B 376 32.77 -3.58 12.07
N SER B 377 32.96 -2.46 12.75
CA SER B 377 34.29 -2.00 13.13
C SER B 377 35.07 -3.13 13.79
N GLN B 378 34.42 -3.82 14.73
CA GLN B 378 35.03 -4.94 15.43
C GLN B 378 35.33 -6.09 14.46
N VAL B 379 34.46 -6.27 13.48
CA VAL B 379 34.63 -7.34 12.50
C VAL B 379 35.59 -6.94 11.40
C BEZ C . -13.65 21.44 15.03
O1 BEZ C . -14.62 21.19 15.77
O2 BEZ C . -12.53 21.34 15.55
C1 BEZ C . -13.87 21.81 13.58
C2 BEZ C . -12.84 22.30 12.77
C3 BEZ C . -13.07 22.63 11.44
C4 BEZ C . -14.35 22.47 10.91
C5 BEZ C . -15.38 21.99 11.71
C6 BEZ C . -15.15 21.66 13.04
MG MG D . -8.41 23.61 11.97
MG MG E . -14.43 13.44 20.93
C BEZ F . 13.45 -22.91 -14.35
O1 BEZ F . 12.89 -22.32 -15.26
O2 BEZ F . 13.09 -24.08 -14.09
C1 BEZ F . 14.56 -22.26 -13.59
C2 BEZ F . 15.11 -21.05 -14.02
C3 BEZ F . 16.13 -20.43 -13.32
C4 BEZ F . 16.62 -21.02 -12.16
C5 BEZ F . 16.08 -22.22 -11.72
C6 BEZ F . 15.06 -22.85 -12.42
MG MG G . 15.75 -17.26 -16.43
MG MG H . 3.80 -25.48 -13.27
MG MG I . -3.06 -13.95 1.89
#